data_3TBS
#
_entry.id   3TBS
#
_cell.length_a   117.840
_cell.length_b   125.120
_cell.length_c   101.320
_cell.angle_alpha   90.00
_cell.angle_beta   128.15
_cell.angle_gamma   90.00
#
_symmetry.space_group_name_H-M   'C 1 2 1'
#
loop_
_entity.id
_entity.type
_entity.pdbx_description
1 polymer 'H-2 class I histocompatibility antigen, D-B alpha chain'
2 polymer Beta-2-microglobulin
3 polymer 'GLYCOPROTEIN G1'
4 non-polymer 'SULFATE ION'
5 non-polymer GLYCEROL
6 water water
#
loop_
_entity_poly.entity_id
_entity_poly.type
_entity_poly.pdbx_seq_one_letter_code
_entity_poly.pdbx_strand_id
1 'polypeptide(L)'
;GPHSMRYFETAVSRPGLEEPRYISVGYVDNKEFVRFDSDAENPRYEPRAPWMEQEGPEYWERETQKAKGQEQWFRVSLRN
LLGYYNQSAGGSHTLQQMSGCDLGSDWRLLRGYLQFAYEGRDYIALNEDLKTWTAADMAAQITRRKWEQSGAAEHYKAYL
EGECVEWLHRYLKNGNATLLRTDSPKAHVTHHPRSKGEVTLRCWALGFYPADITLTWQLNGEELTQDMELVETRPAGDGT
FQKWASVVVPLGKEQNYTCRVYHEGLPEPLTLRWEP
;
A,D
2 'polypeptide(L)'
;IQKTPQIQVYSRHPPENGKPNILNCYVTQFHPPHIEIQMLKNGKKIPKVEMSDMSFSKDWSFYILAHTEFTPTETDTYAC
RVKHDSMAEPKTVYWDRDM
;
B,E
3 'polypeptide(L)' KAPANFATM C,F
#
# COMPACT_ATOMS: atom_id res chain seq x y z
N GLY A 1 3.83 8.09 -6.53
CA GLY A 1 2.66 7.15 -6.41
C GLY A 1 2.93 5.76 -6.98
N PRO A 2 2.12 4.75 -6.57
CA PRO A 2 2.26 3.35 -7.00
C PRO A 2 1.62 3.10 -8.35
N HIS A 3 1.97 1.99 -9.00
CA HIS A 3 1.52 1.74 -10.37
C HIS A 3 1.22 0.27 -10.62
N SER A 4 0.59 -0.01 -11.75
CA SER A 4 0.20 -1.38 -12.05
C SER A 4 -0.05 -1.61 -13.54
N MET A 5 0.10 -2.85 -13.96
CA MET A 5 -0.37 -3.30 -15.26
C MET A 5 -1.25 -4.51 -15.11
N ARG A 6 -2.36 -4.57 -15.84
CA ARG A 6 -3.13 -5.80 -15.94
C ARG A 6 -3.46 -6.15 -17.37
N TYR A 7 -3.57 -7.44 -17.65
CA TYR A 7 -4.22 -7.90 -18.87
C TYR A 7 -5.43 -8.78 -18.49
N PHE A 8 -6.62 -8.33 -18.88
CA PHE A 8 -7.85 -9.03 -18.58
C PHE A 8 -8.29 -9.74 -19.85
N GLU A 9 -8.23 -11.06 -19.85
CA GLU A 9 -8.55 -11.82 -21.04
C GLU A 9 -9.82 -12.66 -20.87
N THR A 10 -10.64 -12.73 -21.91
CA THR A 10 -11.88 -13.49 -21.87
C THR A 10 -12.02 -14.36 -23.11
N ALA A 11 -12.46 -15.60 -22.93
CA ALA A 11 -12.98 -16.38 -24.07
C ALA A 11 -14.40 -16.84 -23.73
N VAL A 12 -15.29 -16.75 -24.70
CA VAL A 12 -16.66 -17.11 -24.46
C VAL A 12 -17.12 -18.05 -25.57
N SER A 13 -17.70 -19.19 -25.18
CA SER A 13 -18.29 -20.11 -26.14
C SER A 13 -19.81 -20.06 -26.05
N ARG A 14 -20.46 -20.40 -27.16
CA ARG A 14 -21.91 -20.29 -27.24
C ARG A 14 -22.46 -21.39 -28.13
N PRO A 15 -23.70 -21.84 -27.82
CA PRO A 15 -24.38 -22.96 -28.45
C PRO A 15 -24.12 -23.09 -29.95
N GLY A 16 -24.41 -22.04 -30.71
CA GLY A 16 -24.34 -22.14 -32.16
C GLY A 16 -22.92 -21.97 -32.65
N LEU A 17 -22.17 -21.07 -31.99
CA LEU A 17 -20.89 -20.59 -32.53
C LEU A 17 -19.85 -21.70 -32.64
N GLU A 18 -19.27 -21.82 -33.83
CA GLU A 18 -18.20 -22.78 -34.09
C GLU A 18 -17.02 -22.52 -33.15
N GLU A 19 -16.54 -21.27 -33.12
CA GLU A 19 -15.38 -20.92 -32.31
C GLU A 19 -15.62 -19.83 -31.27
N PRO A 20 -14.96 -19.97 -30.11
CA PRO A 20 -15.11 -19.01 -29.03
C PRO A 20 -14.61 -17.65 -29.44
N ARG A 21 -15.19 -16.61 -28.85
CA ARG A 21 -14.73 -15.28 -29.06
C ARG A 21 -13.69 -14.95 -28.00
N TYR A 22 -12.59 -14.36 -28.39
CA TYR A 22 -11.51 -14.08 -27.45
C TYR A 22 -11.23 -12.58 -27.41
N ILE A 23 -11.21 -12.00 -26.21
CA ILE A 23 -10.89 -10.58 -26.03
C ILE A 23 -9.78 -10.41 -25.01
N SER A 24 -8.79 -9.58 -25.33
CA SER A 24 -7.76 -9.22 -24.35
C SER A 24 -7.73 -7.72 -24.24
N VAL A 25 -7.77 -7.22 -23.01
CA VAL A 25 -7.70 -5.80 -22.73
C VAL A 25 -6.58 -5.55 -21.72
N GLY A 26 -5.66 -4.68 -22.08
CA GLY A 26 -4.56 -4.30 -21.19
C GLY A 26 -4.82 -3.00 -20.45
N TYR A 27 -4.27 -2.87 -19.24
CA TYR A 27 -4.50 -1.69 -18.41
C TYR A 27 -3.19 -1.20 -17.81
N VAL A 28 -2.96 0.10 -17.83
CA VAL A 28 -1.88 0.72 -17.07
C VAL A 28 -2.51 1.73 -16.11
N ASP A 29 -2.24 1.57 -14.81
CA ASP A 29 -2.92 2.29 -13.75
C ASP A 29 -4.44 2.23 -13.90
N ASN A 30 -4.94 1.10 -14.35
CA ASN A 30 -6.36 0.90 -14.60
C ASN A 30 -6.99 1.73 -15.72
N LYS A 31 -6.17 2.39 -16.53
CA LYS A 31 -6.66 2.94 -17.79
C LYS A 31 -6.32 1.96 -18.87
N GLU A 32 -7.28 1.70 -19.74
CA GLU A 32 -7.12 0.80 -20.85
C GLU A 32 -6.14 1.43 -21.87
N PHE A 33 -5.28 0.61 -22.46
CA PHE A 33 -4.23 1.11 -23.35
C PHE A 33 -3.94 0.25 -24.60
N VAL A 34 -4.20 -1.05 -24.51
CA VAL A 34 -4.20 -1.95 -25.67
C VAL A 34 -5.46 -2.84 -25.63
N ARG A 35 -5.89 -3.34 -26.79
CA ARG A 35 -7.05 -4.25 -26.85
C ARG A 35 -7.02 -5.13 -28.08
N PHE A 36 -7.35 -6.40 -27.90
CA PHE A 36 -7.46 -7.36 -28.99
C PHE A 36 -8.85 -7.97 -28.94
N ASP A 37 -9.46 -8.15 -30.09
CA ASP A 37 -10.79 -8.75 -30.19
C ASP A 37 -10.88 -9.63 -31.42
N SER A 38 -11.04 -10.93 -31.20
CA SER A 38 -11.08 -11.91 -32.27
C SER A 38 -12.22 -11.71 -33.28
N ASP A 39 -13.27 -11.02 -32.85
CA ASP A 39 -14.44 -10.72 -33.70
C ASP A 39 -14.19 -9.61 -34.68
N ALA A 40 -13.13 -8.82 -34.48
CA ALA A 40 -12.78 -7.78 -35.43
C ALA A 40 -12.50 -8.34 -36.83
N GLU A 41 -12.85 -7.55 -37.83
CA GLU A 41 -12.55 -7.82 -39.24
C GLU A 41 -11.10 -8.36 -39.46
N ASN A 42 -10.13 -7.64 -38.91
CA ASN A 42 -8.72 -8.02 -38.97
C ASN A 42 -8.26 -8.01 -37.53
N PRO A 43 -8.34 -9.16 -36.84
CA PRO A 43 -8.02 -9.15 -35.43
C PRO A 43 -6.56 -8.79 -35.17
N ARG A 44 -6.35 -7.74 -34.37
CA ARG A 44 -5.02 -7.24 -34.02
C ARG A 44 -5.12 -6.50 -32.69
N TYR A 45 -4.01 -6.45 -31.97
CA TYR A 45 -3.93 -5.56 -30.83
C TYR A 45 -3.86 -4.14 -31.35
N GLU A 46 -4.78 -3.29 -30.87
CA GLU A 46 -4.84 -1.86 -31.26
C GLU A 46 -4.50 -1.02 -30.05
N PRO A 47 -3.84 0.14 -30.25
CA PRO A 47 -3.61 1.01 -29.11
C PRO A 47 -4.91 1.64 -28.68
N ARG A 48 -5.00 1.93 -27.39
CA ARG A 48 -6.22 2.44 -26.80
C ARG A 48 -5.99 3.69 -25.98
N ALA A 49 -4.75 4.17 -25.97
CA ALA A 49 -4.39 5.49 -25.46
C ALA A 49 -3.46 6.16 -26.49
N PRO A 50 -3.64 7.46 -26.72
CA PRO A 50 -2.77 8.18 -27.67
C PRO A 50 -1.26 7.97 -27.47
N TRP A 51 -0.85 7.61 -26.25
CA TRP A 51 0.57 7.44 -25.94
C TRP A 51 1.15 6.10 -26.37
N MET A 52 0.30 5.21 -26.87
CA MET A 52 0.78 3.93 -27.41
C MET A 52 1.07 3.97 -28.91
N GLU A 53 0.51 4.95 -29.61
CA GLU A 53 0.81 5.13 -31.06
C GLU A 53 2.32 5.25 -31.33
N GLN A 54 3.08 5.64 -30.30
CA GLN A 54 4.55 5.61 -30.31
C GLN A 54 5.16 4.29 -30.74
N GLU A 55 4.66 3.17 -30.18
CA GLU A 55 5.26 1.84 -30.43
C GLU A 55 5.22 1.52 -31.92
N GLY A 56 6.31 0.96 -32.43
CA GLY A 56 6.44 0.67 -33.85
C GLY A 56 5.87 -0.69 -34.22
N PRO A 57 5.84 -1.02 -35.53
CA PRO A 57 5.14 -2.19 -36.08
C PRO A 57 5.60 -3.54 -35.53
N GLU A 58 6.84 -3.62 -35.06
CA GLU A 58 7.32 -4.83 -34.43
C GLU A 58 6.51 -5.15 -33.18
N TYR A 59 6.25 -4.13 -32.37
CA TYR A 59 5.47 -4.28 -31.16
C TYR A 59 4.11 -4.93 -31.47
N TRP A 60 3.37 -4.31 -32.38
CA TRP A 60 2.01 -4.74 -32.69
C TRP A 60 2.01 -6.10 -33.36
N GLU A 61 3.06 -6.41 -34.12
CA GLU A 61 3.12 -7.71 -34.79
C GLU A 61 3.24 -8.82 -33.76
N ARG A 62 4.16 -8.63 -32.81
CA ARG A 62 4.49 -9.68 -31.85
C ARG A 62 3.43 -9.82 -30.79
N GLU A 63 2.88 -8.71 -30.33
CA GLU A 63 1.74 -8.79 -29.42
C GLU A 63 0.52 -9.38 -30.12
N THR A 64 0.32 -9.09 -31.40
CA THR A 64 -0.82 -9.69 -32.10
C THR A 64 -0.63 -11.19 -32.19
N GLN A 65 0.56 -11.62 -32.59
CA GLN A 65 0.86 -13.04 -32.61
C GLN A 65 0.72 -13.68 -31.23
N LYS A 66 1.15 -12.96 -30.20
CA LYS A 66 0.95 -13.47 -28.85
C LYS A 66 -0.54 -13.74 -28.62
N ALA A 67 -1.38 -12.80 -29.03
CA ALA A 67 -2.84 -12.93 -28.91
C ALA A 67 -3.40 -14.19 -29.58
N LYS A 68 -2.95 -14.44 -30.81
CA LYS A 68 -3.43 -15.59 -31.55
C LYS A 68 -3.07 -16.90 -30.84
N GLY A 69 -1.95 -16.90 -30.12
CA GLY A 69 -1.59 -18.02 -29.28
C GLY A 69 -2.57 -18.24 -28.13
N GLN A 70 -2.92 -17.16 -27.44
CA GLN A 70 -3.85 -17.20 -26.33
C GLN A 70 -5.18 -17.70 -26.85
N GLU A 71 -5.63 -17.14 -27.96
CA GLU A 71 -6.89 -17.56 -28.57
C GLU A 71 -6.94 -19.08 -28.64
N GLN A 72 -5.90 -19.69 -29.19
CA GLN A 72 -5.79 -21.16 -29.22
C GLN A 72 -5.84 -21.76 -27.84
N TRP A 73 -5.05 -21.16 -26.94
CA TRP A 73 -4.87 -21.65 -25.59
C TRP A 73 -6.22 -21.72 -24.88
N PHE A 74 -6.94 -20.63 -24.94
CA PHE A 74 -8.25 -20.51 -24.29
C PHE A 74 -9.26 -21.47 -24.89
N ARG A 75 -9.11 -21.74 -26.16
CA ARG A 75 -10.01 -22.60 -26.86
C ARG A 75 -9.84 -24.06 -26.44
N VAL A 76 -8.60 -24.56 -26.51
CA VAL A 76 -8.31 -25.91 -26.06
C VAL A 76 -8.70 -26.06 -24.58
N SER A 77 -8.44 -25.02 -23.80
CA SER A 77 -8.69 -25.07 -22.38
C SER A 77 -10.19 -25.19 -22.11
N LEU A 78 -10.99 -24.30 -22.70
CA LEU A 78 -12.47 -24.41 -22.71
C LEU A 78 -12.96 -25.82 -23.01
N ARG A 79 -12.32 -26.47 -23.98
CA ARG A 79 -12.74 -27.81 -24.36
C ARG A 79 -12.43 -28.75 -23.21
N ASN A 80 -11.22 -28.67 -22.69
CA ASN A 80 -10.82 -29.51 -21.57
C ASN A 80 -11.77 -29.37 -20.42
N LEU A 81 -12.10 -28.12 -20.09
CA LEU A 81 -12.96 -27.80 -18.94
C LEU A 81 -14.37 -28.42 -19.08
N LEU A 82 -14.96 -28.37 -20.26
CA LEU A 82 -16.21 -29.11 -20.54
C LEU A 82 -16.15 -30.56 -20.04
N GLY A 83 -15.08 -31.23 -20.40
CA GLY A 83 -14.82 -32.59 -19.98
C GLY A 83 -14.63 -32.72 -18.49
N TYR A 84 -13.82 -31.85 -17.91
CA TYR A 84 -13.60 -31.89 -16.48
C TYR A 84 -14.90 -31.74 -15.69
N TYR A 85 -15.83 -30.95 -16.19
CA TYR A 85 -17.04 -30.69 -15.43
C TYR A 85 -18.23 -31.52 -15.94
N ASN A 86 -17.98 -32.44 -16.85
CA ASN A 86 -19.04 -33.26 -17.41
C ASN A 86 -20.22 -32.37 -17.83
N GLN A 87 -19.89 -31.32 -18.55
CA GLN A 87 -20.88 -30.44 -19.13
C GLN A 87 -21.07 -30.90 -20.57
N SER A 88 -22.29 -30.98 -21.03
CA SER A 88 -22.49 -31.45 -22.38
C SER A 88 -22.56 -30.27 -23.32
N ALA A 89 -22.34 -30.52 -24.60
CA ALA A 89 -22.62 -29.56 -25.66
C ALA A 89 -24.02 -28.98 -25.43
N GLY A 90 -24.22 -27.71 -25.80
CA GLY A 90 -25.54 -27.07 -25.70
C GLY A 90 -25.61 -25.93 -24.71
N GLY A 91 -24.46 -25.45 -24.24
CA GLY A 91 -24.42 -24.34 -23.29
C GLY A 91 -23.42 -23.24 -23.64
N SER A 92 -23.48 -22.16 -22.86
CA SER A 92 -22.51 -21.06 -22.90
C SER A 92 -21.48 -21.26 -21.80
N HIS A 93 -20.23 -20.90 -22.08
CA HIS A 93 -19.17 -21.01 -21.12
C HIS A 93 -18.20 -19.87 -21.25
N THR A 94 -17.59 -19.47 -20.13
CA THR A 94 -16.62 -18.39 -20.13
C THR A 94 -15.35 -18.75 -19.37
N LEU A 95 -14.21 -18.47 -19.98
CA LEU A 95 -12.95 -18.67 -19.32
C LEU A 95 -12.34 -17.28 -19.25
N GLN A 96 -11.80 -16.91 -18.08
CA GLN A 96 -11.31 -15.54 -17.87
C GLN A 96 -9.96 -15.61 -17.22
N GLN A 97 -9.09 -14.65 -17.55
CA GLN A 97 -7.76 -14.59 -16.98
C GLN A 97 -7.46 -13.14 -16.60
N MET A 98 -6.87 -12.92 -15.42
CA MET A 98 -6.26 -11.63 -15.04
C MET A 98 -4.78 -11.87 -14.72
N SER A 99 -3.91 -11.07 -15.31
CA SER A 99 -2.46 -11.24 -15.16
C SER A 99 -1.86 -9.86 -15.05
N GLY A 100 -0.73 -9.76 -14.36
CA GLY A 100 -0.05 -8.49 -14.24
C GLY A 100 0.76 -8.28 -12.99
N CYS A 101 1.25 -7.06 -12.84
CA CYS A 101 2.15 -6.74 -11.76
C CYS A 101 1.74 -5.41 -11.09
N ASP A 102 2.05 -5.29 -9.80
CA ASP A 102 1.91 -4.05 -9.06
C ASP A 102 3.29 -3.56 -8.68
N LEU A 103 3.53 -2.26 -8.86
CA LEU A 103 4.74 -1.61 -8.39
C LEU A 103 4.42 -0.61 -7.28
N GLY A 104 5.34 -0.46 -6.33
CA GLY A 104 5.23 0.55 -5.28
C GLY A 104 5.65 1.90 -5.82
N SER A 105 5.57 2.93 -4.99
CA SER A 105 6.02 4.26 -5.41
C SER A 105 7.47 4.22 -5.90
N ASP A 106 8.27 3.32 -5.35
CA ASP A 106 9.68 3.18 -5.76
C ASP A 106 9.86 2.52 -7.14
N TRP A 107 8.77 2.00 -7.71
CA TRP A 107 8.76 1.31 -9.00
C TRP A 107 9.31 -0.12 -8.96
N ARG A 108 9.62 -0.63 -7.76
CA ARG A 108 9.97 -2.05 -7.61
C ARG A 108 8.72 -2.91 -7.57
N LEU A 109 8.85 -4.15 -8.02
CA LEU A 109 7.74 -5.09 -7.96
C LEU A 109 7.22 -5.21 -6.53
N LEU A 110 5.91 -5.05 -6.37
CA LEU A 110 5.27 -5.20 -5.08
C LEU A 110 4.52 -6.51 -5.03
N ARG A 111 3.98 -6.94 -6.16
CA ARG A 111 3.15 -8.15 -6.25
C ARG A 111 2.86 -8.49 -7.71
N GLY A 112 2.98 -9.77 -8.05
CA GLY A 112 2.51 -10.31 -9.32
C GLY A 112 1.14 -10.93 -9.15
N TYR A 113 0.38 -11.02 -10.25
CA TYR A 113 -0.99 -11.58 -10.27
C TYR A 113 -1.15 -12.49 -11.46
N LEU A 114 -1.72 -13.69 -11.23
CA LEU A 114 -2.05 -14.64 -12.29
C LEU A 114 -3.19 -15.45 -11.76
N GLN A 115 -4.41 -15.15 -12.24
CA GLN A 115 -5.62 -15.91 -11.84
C GLN A 115 -6.54 -16.18 -13.01
N PHE A 116 -7.39 -17.20 -12.86
CA PHE A 116 -8.29 -17.64 -13.90
C PHE A 116 -9.65 -17.99 -13.32
N ALA A 117 -10.72 -17.70 -14.06
CA ALA A 117 -12.07 -18.02 -13.65
C ALA A 117 -12.78 -18.76 -14.77
N TYR A 118 -13.65 -19.68 -14.35
CA TYR A 118 -14.49 -20.44 -15.25
C TYR A 118 -15.90 -20.20 -14.84
N GLU A 119 -16.76 -19.93 -15.82
CA GLU A 119 -18.16 -19.60 -15.55
C GLU A 119 -18.27 -18.47 -14.50
N GLY A 120 -17.28 -17.57 -14.49
CA GLY A 120 -17.30 -16.43 -13.59
C GLY A 120 -16.92 -16.78 -12.17
N ARG A 121 -16.25 -17.91 -11.99
CA ARG A 121 -15.86 -18.38 -10.67
C ARG A 121 -14.41 -18.77 -10.64
N ASP A 122 -13.77 -18.51 -9.50
CA ASP A 122 -12.36 -18.82 -9.28
C ASP A 122 -12.15 -20.26 -9.64
N TYR A 123 -11.17 -20.50 -10.50
CA TYR A 123 -10.86 -21.84 -10.99
C TYR A 123 -9.49 -22.22 -10.48
N ILE A 124 -8.49 -21.45 -10.87
CA ILE A 124 -7.12 -21.62 -10.36
C ILE A 124 -6.38 -20.29 -10.42
N ALA A 125 -5.56 -20.05 -9.39
CA ALA A 125 -4.82 -18.79 -9.24
C ALA A 125 -3.41 -19.04 -8.69
N LEU A 126 -2.45 -18.24 -9.15
CA LEU A 126 -1.07 -18.31 -8.66
C LEU A 126 -0.96 -17.53 -7.37
N ASN A 127 -0.40 -18.14 -6.35
CA ASN A 127 -0.26 -17.51 -5.06
C ASN A 127 0.77 -16.38 -5.08
N GLU A 128 0.67 -15.48 -4.10
CA GLU A 128 1.57 -14.34 -4.01
C GLU A 128 3.06 -14.73 -4.01
N ASP A 129 3.37 -15.91 -3.50
CA ASP A 129 4.75 -16.42 -3.57
C ASP A 129 5.23 -16.63 -5.02
N LEU A 130 4.30 -16.67 -5.95
CA LEU A 130 4.60 -16.98 -7.35
C LEU A 130 5.24 -18.34 -7.55
N LYS A 131 5.04 -19.22 -6.58
CA LYS A 131 5.57 -20.58 -6.63
C LYS A 131 4.47 -21.64 -6.56
N THR A 132 3.40 -21.38 -5.82
CA THR A 132 2.37 -22.37 -5.58
C THR A 132 0.99 -21.93 -6.09
N TRP A 133 0.10 -22.90 -6.34
CA TRP A 133 -1.22 -22.61 -6.86
C TRP A 133 -2.29 -22.89 -5.87
N THR A 134 -3.35 -22.09 -5.91
CA THR A 134 -4.56 -22.40 -5.17
C THR A 134 -5.68 -22.74 -6.17
N ALA A 135 -6.43 -23.78 -5.84
CA ALA A 135 -7.40 -24.38 -6.73
C ALA A 135 -8.46 -25.08 -5.93
N ALA A 136 -9.59 -24.43 -5.73
CA ALA A 136 -10.67 -24.94 -4.88
C ALA A 136 -11.33 -26.23 -5.42
N ASP A 137 -11.79 -26.21 -6.66
CA ASP A 137 -12.71 -27.22 -7.16
C ASP A 137 -12.02 -28.57 -7.36
N MET A 138 -12.78 -29.65 -7.20
CA MET A 138 -12.24 -30.97 -7.49
C MET A 138 -11.81 -31.06 -8.99
N ALA A 139 -12.65 -30.55 -9.89
CA ALA A 139 -12.25 -30.44 -11.32
C ALA A 139 -10.90 -29.73 -11.49
N ALA A 140 -10.67 -28.70 -10.71
CA ALA A 140 -9.50 -27.88 -10.87
C ALA A 140 -8.19 -28.57 -10.48
N GLN A 141 -8.27 -29.68 -9.73
CA GLN A 141 -7.05 -30.33 -9.25
C GLN A 141 -6.30 -30.94 -10.39
N ILE A 142 -7.06 -31.38 -11.38
CA ILE A 142 -6.51 -31.91 -12.62
C ILE A 142 -5.51 -30.91 -13.24
N THR A 143 -5.93 -29.66 -13.31
CA THR A 143 -5.08 -28.59 -13.81
C THR A 143 -3.90 -28.38 -12.85
N ARG A 144 -4.19 -28.19 -11.56
CA ARG A 144 -3.15 -27.83 -10.61
C ARG A 144 -1.99 -28.83 -10.71
N ARG A 145 -2.32 -30.10 -10.79
CA ARG A 145 -1.29 -31.13 -10.94
C ARG A 145 -0.52 -30.98 -12.25
N LYS A 146 -1.24 -30.85 -13.35
CA LYS A 146 -0.64 -30.69 -14.66
C LYS A 146 0.42 -29.59 -14.63
N TRP A 147 0.05 -28.47 -14.01
CA TRP A 147 0.86 -27.27 -13.97
C TRP A 147 1.99 -27.40 -12.95
N GLU A 148 1.73 -28.07 -11.84
CA GLU A 148 2.83 -28.43 -10.92
C GLU A 148 3.88 -29.27 -11.65
N GLN A 149 3.42 -30.38 -12.25
CA GLN A 149 4.32 -31.30 -12.96
C GLN A 149 5.09 -30.62 -14.11
N SER A 150 4.53 -29.55 -14.67
CA SER A 150 5.16 -28.90 -15.82
C SER A 150 6.00 -27.68 -15.47
N GLY A 151 6.02 -27.32 -14.19
CA GLY A 151 6.73 -26.12 -13.74
C GLY A 151 6.14 -24.80 -14.23
N ALA A 152 4.86 -24.79 -14.57
CA ALA A 152 4.22 -23.61 -15.09
C ALA A 152 4.51 -22.36 -14.25
N ALA A 153 4.46 -22.47 -12.92
CA ALA A 153 4.64 -21.30 -12.04
C ALA A 153 5.93 -20.57 -12.34
N GLU A 154 7.03 -21.31 -12.51
CA GLU A 154 8.31 -20.69 -12.73
C GLU A 154 8.29 -19.82 -13.98
N HIS A 155 7.61 -20.27 -15.03
CA HIS A 155 7.59 -19.50 -16.29
C HIS A 155 6.69 -18.27 -16.19
N TYR A 156 5.58 -18.39 -15.47
CA TYR A 156 4.75 -17.22 -15.18
C TYR A 156 5.50 -16.27 -14.26
N LYS A 157 6.28 -16.82 -13.33
CA LYS A 157 7.06 -16.00 -12.42
C LYS A 157 8.01 -15.15 -13.21
N ALA A 158 8.75 -15.79 -14.12
CA ALA A 158 9.69 -15.07 -15.00
C ALA A 158 9.00 -13.90 -15.71
N TYR A 159 7.77 -14.11 -16.17
CA TYR A 159 7.04 -13.08 -16.88
C TYR A 159 6.65 -11.92 -15.98
N LEU A 160 6.09 -12.25 -14.82
CA LEU A 160 5.60 -11.25 -13.87
C LEU A 160 6.70 -10.39 -13.24
N GLU A 161 7.84 -11.00 -12.93
CA GLU A 161 8.98 -10.31 -12.36
C GLU A 161 9.81 -9.61 -13.40
N GLY A 162 9.72 -10.07 -14.64
CA GLY A 162 10.58 -9.60 -15.73
C GLY A 162 9.88 -8.68 -16.73
N GLU A 163 9.32 -9.26 -17.80
CA GLU A 163 8.67 -8.51 -18.90
C GLU A 163 7.65 -7.49 -18.39
N CYS A 164 6.78 -7.94 -17.49
CA CYS A 164 5.67 -7.14 -16.95
C CYS A 164 6.16 -5.85 -16.29
N VAL A 165 7.14 -6.00 -15.39
CA VAL A 165 7.78 -4.86 -14.75
C VAL A 165 8.54 -4.03 -15.80
N GLU A 166 9.36 -4.71 -16.60
CA GLU A 166 10.20 -4.02 -17.59
C GLU A 166 9.37 -3.13 -18.52
N TRP A 167 8.29 -3.67 -19.05
CA TRP A 167 7.48 -2.91 -20.01
C TRP A 167 6.53 -1.91 -19.35
N LEU A 168 6.11 -2.17 -18.11
CA LEU A 168 5.32 -1.18 -17.40
C LEU A 168 6.21 0.02 -17.13
N HIS A 169 7.43 -0.22 -16.67
CA HIS A 169 8.40 0.88 -16.52
C HIS A 169 8.44 1.71 -17.78
N ARG A 170 8.53 1.03 -18.92
CA ARG A 170 8.60 1.70 -20.21
C ARG A 170 7.31 2.46 -20.53
N TYR A 171 6.18 1.83 -20.31
CA TYR A 171 4.89 2.50 -20.55
C TYR A 171 4.75 3.73 -19.66
N LEU A 172 5.20 3.62 -18.42
CA LEU A 172 5.12 4.72 -17.46
C LEU A 172 5.97 5.92 -17.85
N LYS A 173 7.16 5.65 -18.39
CA LYS A 173 7.99 6.70 -18.94
C LYS A 173 7.32 7.28 -20.17
N ASN A 174 6.75 6.44 -21.02
CA ASN A 174 6.13 6.91 -22.26
C ASN A 174 4.81 7.63 -22.05
N GLY A 175 4.21 7.43 -20.89
CA GLY A 175 2.86 7.89 -20.67
C GLY A 175 2.64 8.99 -19.67
N ASN A 176 3.70 9.54 -19.11
CA ASN A 176 3.54 10.54 -18.07
C ASN A 176 2.67 11.71 -18.52
N ALA A 177 1.58 11.92 -17.80
CA ALA A 177 0.63 12.95 -18.16
C ALA A 177 -0.62 12.32 -18.72
N LEU A 179 -1.49 10.11 -17.77
CA LEU A 179 -2.02 9.14 -16.84
C LEU A 179 -1.39 9.27 -15.46
N LEU A 180 -0.38 10.12 -15.36
CA LEU A 180 0.34 10.39 -14.10
C LEU A 180 -0.54 11.14 -13.09
N ARG A 181 -1.36 12.04 -13.62
CA ARG A 181 -2.09 12.99 -12.80
C ARG A 181 -3.43 12.43 -12.38
N THR A 182 -3.91 12.96 -11.26
CA THR A 182 -5.20 12.65 -10.73
C THR A 182 -6.07 13.90 -10.86
N ASP A 183 -7.38 13.71 -10.77
CA ASP A 183 -8.34 14.81 -10.69
C ASP A 183 -9.09 14.73 -9.36
N SER A 184 -9.01 15.80 -8.58
CA SER A 184 -9.66 15.86 -7.28
C SER A 184 -11.18 15.89 -7.43
N PRO A 185 -11.89 15.37 -6.44
CA PRO A 185 -13.34 15.48 -6.47
C PRO A 185 -13.81 16.88 -6.11
N LYS A 186 -14.97 17.25 -6.64
CA LYS A 186 -15.62 18.52 -6.33
C LYS A 186 -17.00 18.23 -5.74
N ALA A 187 -17.18 18.63 -4.49
CA ALA A 187 -18.30 18.16 -3.70
C ALA A 187 -19.33 19.25 -3.44
N HIS A 188 -20.59 18.83 -3.40
CA HIS A 188 -21.67 19.68 -2.97
C HIS A 188 -22.79 18.83 -2.39
N VAL A 189 -23.73 19.50 -1.74
CA VAL A 189 -24.84 18.82 -1.09
C VAL A 189 -26.15 19.38 -1.63
N THR A 190 -27.10 18.47 -1.90
CA THR A 190 -28.43 18.85 -2.34
C THR A 190 -29.45 18.43 -1.28
N HIS A 191 -30.58 19.15 -1.29
CA HIS A 191 -31.66 18.98 -0.34
C HIS A 191 -32.86 18.47 -1.13
N HIS A 192 -33.51 17.43 -0.62
CA HIS A 192 -34.70 16.89 -1.24
C HIS A 192 -35.69 16.46 -0.18
N PRO A 193 -36.98 16.78 -0.39
CA PRO A 193 -37.98 16.32 0.56
C PRO A 193 -38.05 14.81 0.50
N ARG A 194 -38.33 14.17 1.63
CA ARG A 194 -38.45 12.72 1.64
C ARG A 194 -39.82 12.31 2.17
N SER A 195 -40.10 12.72 3.41
CA SER A 195 -41.36 12.42 4.05
C SER A 195 -41.86 13.68 4.73
N LYS A 196 -42.93 13.52 5.52
CA LYS A 196 -43.26 14.49 6.56
C LYS A 196 -42.12 14.47 7.56
N GLY A 197 -42.02 15.52 8.37
CA GLY A 197 -40.97 15.64 9.39
C GLY A 197 -39.51 15.50 8.97
N GLU A 198 -39.24 14.88 7.82
CA GLU A 198 -37.87 14.50 7.43
C GLU A 198 -37.53 14.87 6.00
N VAL A 199 -36.23 15.05 5.75
CA VAL A 199 -35.69 15.42 4.43
C VAL A 199 -34.50 14.54 4.08
N THR A 200 -33.99 14.69 2.85
CA THR A 200 -32.85 13.90 2.37
C THR A 200 -31.70 14.83 2.02
N LEU A 201 -30.57 14.62 2.69
CA LEU A 201 -29.34 15.30 2.35
C LEU A 201 -28.50 14.35 1.51
N ARG A 202 -28.05 14.83 0.35
CA ARG A 202 -27.31 14.00 -0.60
C ARG A 202 -25.98 14.65 -0.97
N CYS A 203 -24.90 14.01 -0.53
CA CYS A 203 -23.54 14.52 -0.76
C CYS A 203 -23.07 14.00 -2.10
N TRP A 204 -22.90 14.90 -3.06
CA TRP A 204 -22.41 14.52 -4.37
C TRP A 204 -20.91 14.72 -4.43
N ALA A 205 -20.19 13.73 -4.92
CA ALA A 205 -18.80 13.94 -5.36
C ALA A 205 -18.78 13.79 -6.87
N LEU A 206 -18.05 14.67 -7.56
CA LEU A 206 -17.97 14.67 -9.03
C LEU A 206 -16.58 15.03 -9.59
N GLY A 207 -16.39 14.64 -10.86
CA GLY A 207 -15.22 15.02 -11.65
C GLY A 207 -13.88 14.46 -11.21
N PHE A 208 -13.89 13.33 -10.52
CA PHE A 208 -12.66 12.77 -9.94
C PHE A 208 -12.09 11.57 -10.70
N TYR A 209 -10.77 11.45 -10.67
CA TYR A 209 -10.03 10.27 -11.15
C TYR A 209 -8.83 10.05 -10.22
N PRO A 210 -8.57 8.80 -9.80
CA PRO A 210 -9.27 7.54 -10.08
C PRO A 210 -10.55 7.27 -9.28
N ALA A 211 -11.17 6.12 -9.54
CA ALA A 211 -12.48 5.79 -9.00
C ALA A 211 -12.53 5.69 -7.47
N ASP A 212 -11.43 5.22 -6.89
CA ASP A 212 -11.38 4.98 -5.45
C ASP A 212 -11.65 6.28 -4.69
N ILE A 213 -12.65 6.24 -3.83
CA ILE A 213 -13.11 7.40 -3.09
C ILE A 213 -13.99 6.92 -1.94
N THR A 214 -14.08 7.71 -0.87
CA THR A 214 -14.97 7.36 0.22
C THR A 214 -15.76 8.59 0.62
N LEU A 215 -17.06 8.38 0.81
CA LEU A 215 -17.97 9.41 1.28
C LEU A 215 -18.55 8.97 2.62
N THR A 216 -18.63 9.91 3.56
CA THR A 216 -19.23 9.64 4.87
C THR A 216 -20.09 10.81 5.33
N TRP A 217 -20.99 10.52 6.27
CA TRP A 217 -21.83 11.54 6.90
C TRP A 217 -21.69 11.37 8.41
N GLN A 218 -21.60 12.46 9.15
CA GLN A 218 -21.56 12.37 10.61
C GLN A 218 -22.46 13.39 11.32
N LEU A 219 -22.80 13.04 12.57
CA LEU A 219 -23.71 13.82 13.41
C LEU A 219 -23.07 14.02 14.78
N ASN A 220 -22.31 15.11 14.93
CA ASN A 220 -21.57 15.36 16.17
C ASN A 220 -20.46 14.32 16.37
N GLY A 221 -19.86 13.87 15.28
CA GLY A 221 -18.62 13.09 15.33
C GLY A 221 -18.71 11.60 15.02
N GLU A 222 -19.92 11.04 14.93
CA GLU A 222 -20.09 9.60 14.66
C GLU A 222 -20.54 9.36 13.22
N GLU A 223 -19.94 8.36 12.56
CA GLU A 223 -20.30 8.00 11.18
C GLU A 223 -21.60 7.19 11.16
N LEU A 224 -22.12 6.90 9.96
CA LEU A 224 -23.48 6.36 9.84
C LEU A 224 -23.62 5.08 8.99
N THR A 225 -24.82 4.49 9.07
CA THR A 225 -25.10 3.13 8.61
C THR A 225 -26.41 3.07 7.81
N MET A 228 -27.74 5.43 6.02
CA MET A 228 -27.14 6.09 4.87
C MET A 228 -27.26 5.23 3.61
N GLU A 229 -27.57 5.85 2.47
CA GLU A 229 -27.48 5.16 1.15
C GLU A 229 -26.30 5.69 0.32
N LEU A 230 -25.65 4.77 -0.39
CA LEU A 230 -24.52 5.08 -1.29
C LEU A 230 -24.67 4.39 -2.64
N VAL A 231 -24.44 5.11 -3.72
CA VAL A 231 -24.39 4.49 -5.04
C VAL A 231 -22.98 3.98 -5.29
N GLU A 232 -22.89 2.96 -6.14
CA GLU A 232 -21.59 2.47 -6.60
C GLU A 232 -20.97 3.54 -7.47
N THR A 233 -19.66 3.77 -7.30
CA THR A 233 -18.94 4.72 -8.13
C THR A 233 -19.19 4.43 -9.60
N ARG A 234 -19.50 5.47 -10.36
CA ARG A 234 -19.94 5.34 -11.75
C ARG A 234 -19.20 6.29 -12.71
N PRO A 235 -18.92 5.84 -13.93
CA PRO A 235 -18.21 6.70 -14.85
C PRO A 235 -19.11 7.78 -15.39
N ALA A 236 -18.59 9.01 -15.43
CA ALA A 236 -19.25 10.14 -16.08
C ALA A 236 -19.33 9.91 -17.58
N GLY A 237 -18.36 9.14 -18.07
CA GLY A 237 -18.22 8.82 -19.48
C GLY A 237 -17.18 9.69 -20.18
N ASP A 238 -16.43 10.48 -19.42
CA ASP A 238 -15.45 11.40 -19.96
C ASP A 238 -14.11 11.14 -19.32
N GLY A 239 -13.94 9.95 -18.76
CA GLY A 239 -12.72 9.60 -18.04
C GLY A 239 -12.82 9.77 -16.54
N THR A 240 -13.72 10.63 -16.06
CA THR A 240 -13.91 10.87 -14.62
C THR A 240 -15.05 10.04 -14.02
N PHE A 241 -15.22 10.16 -12.70
CA PHE A 241 -16.20 9.36 -11.97
C PHE A 241 -17.13 10.18 -11.08
N GLN A 242 -18.26 9.57 -10.73
CA GLN A 242 -19.27 10.19 -9.88
C GLN A 242 -19.64 9.25 -8.74
N LYS A 243 -19.92 9.81 -7.58
CA LYS A 243 -20.50 9.07 -6.46
C LYS A 243 -21.28 10.03 -5.60
N TRP A 244 -22.34 9.52 -4.97
CA TRP A 244 -23.03 10.26 -3.92
C TRP A 244 -23.40 9.37 -2.74
N ALA A 245 -23.69 10.00 -1.60
CA ALA A 245 -24.15 9.30 -0.41
C ALA A 245 -25.23 10.14 0.26
N SER A 246 -26.30 9.51 0.70
CA SER A 246 -27.45 10.24 1.24
C SER A 246 -27.90 9.75 2.62
N VAL A 247 -28.41 10.69 3.40
CA VAL A 247 -28.93 10.39 4.72
C VAL A 247 -30.23 11.14 4.95
N VAL A 248 -31.15 10.50 5.64
CA VAL A 248 -32.44 11.11 5.99
C VAL A 248 -32.28 11.89 7.30
N VAL A 249 -32.72 13.14 7.28
CA VAL A 249 -32.50 14.11 8.36
C VAL A 249 -33.81 14.78 8.78
N PRO A 250 -34.02 14.99 10.10
CA PRO A 250 -35.13 15.82 10.58
C PRO A 250 -35.15 17.24 9.99
N LEU A 251 -36.35 17.75 9.74
CA LEU A 251 -36.55 19.12 9.25
C LEU A 251 -36.10 20.17 10.26
N GLY A 252 -35.24 21.08 9.81
CA GLY A 252 -34.73 22.16 10.66
C GLY A 252 -33.49 21.79 11.47
N LYS A 253 -32.95 20.59 11.26
CA LYS A 253 -31.77 20.11 12.01
C LYS A 253 -30.66 19.68 11.05
N GLU A 254 -30.60 20.34 9.88
CA GLU A 254 -29.69 19.94 8.81
C GLU A 254 -28.27 20.46 8.94
N GLN A 255 -28.06 21.50 9.74
CA GLN A 255 -26.71 22.03 9.95
C GLN A 255 -25.90 21.20 10.96
N ASN A 256 -26.52 20.19 11.57
CA ASN A 256 -25.79 19.25 12.43
C ASN A 256 -25.02 18.19 11.64
N TYR A 257 -25.49 17.94 10.42
CA TYR A 257 -24.96 16.85 9.59
C TYR A 257 -23.87 17.34 8.62
N THR A 258 -22.73 16.65 8.64
CA THR A 258 -21.57 17.03 7.83
C THR A 258 -21.11 15.84 6.96
N CYS A 259 -20.84 16.15 5.70
CA CYS A 259 -20.33 15.18 4.74
C CYS A 259 -18.82 15.31 4.64
N ARG A 260 -18.16 14.17 4.47
CA ARG A 260 -16.72 14.10 4.30
C ARG A 260 -16.43 13.39 3.00
N VAL A 261 -15.42 13.86 2.27
CA VAL A 261 -14.96 13.23 1.03
C VAL A 261 -13.46 12.92 1.11
N TYR A 262 -13.11 11.66 0.85
CA TYR A 262 -11.73 11.20 0.94
C TYR A 262 -11.24 10.70 -0.42
N HIS A 263 -10.11 11.22 -0.89
CA HIS A 263 -9.57 10.89 -2.22
C HIS A 263 -8.08 11.20 -2.30
N GLU A 264 -7.33 10.29 -2.92
CA GLU A 264 -5.87 10.42 -3.02
C GLU A 264 -5.41 11.74 -3.66
N GLY A 265 -6.24 12.29 -4.54
CA GLY A 265 -5.97 13.56 -5.21
C GLY A 265 -6.01 14.77 -4.28
N LEU A 266 -6.70 14.64 -3.15
CA LEU A 266 -6.86 15.76 -2.21
C LEU A 266 -5.62 16.02 -1.32
N PRO A 267 -5.37 17.29 -0.98
CA PRO A 267 -4.34 17.63 0.03
C PRO A 267 -4.79 17.20 1.43
N GLU A 268 -6.09 17.25 1.67
CA GLU A 268 -6.70 16.68 2.84
C GLU A 268 -8.18 16.44 2.53
N PRO A 269 -8.88 15.64 3.35
CA PRO A 269 -10.31 15.41 3.08
C PRO A 269 -11.14 16.69 3.12
N LEU A 270 -12.18 16.72 2.29
CA LEU A 270 -13.08 17.86 2.23
C LEU A 270 -14.20 17.67 3.23
N THR A 271 -14.69 18.78 3.76
CA THR A 271 -15.79 18.77 4.72
C THR A 271 -16.84 19.78 4.25
N LEU A 272 -18.10 19.36 4.21
CA LEU A 272 -19.19 20.28 3.86
C LEU A 272 -20.53 19.88 4.44
N ARG A 273 -21.47 20.83 4.39
CA ARG A 273 -22.87 20.61 4.75
C ARG A 273 -23.80 21.39 3.80
N TRP A 274 -25.10 21.21 3.97
CA TRP A 274 -26.11 21.91 3.15
C TRP A 274 -26.15 23.39 3.51
N GLU A 275 -26.40 24.23 2.52
CA GLU A 275 -26.39 25.69 2.74
C GLU A 275 -27.57 26.38 2.07
N ILE B 1 -22.72 -19.88 -13.12
CA ILE B 1 -24.04 -19.37 -12.58
C ILE B 1 -24.26 -17.87 -12.82
N GLN B 2 -25.53 -17.52 -12.91
CA GLN B 2 -25.93 -16.25 -13.44
C GLN B 2 -25.96 -15.19 -12.32
N LYS B 3 -25.47 -14.00 -12.62
CA LYS B 3 -25.46 -12.91 -11.68
C LYS B 3 -26.30 -11.78 -12.29
N THR B 4 -27.23 -11.23 -11.53
CA THR B 4 -28.18 -10.24 -12.05
C THR B 4 -27.60 -8.82 -12.23
N PRO B 5 -27.83 -8.21 -13.38
CA PRO B 5 -27.34 -6.88 -13.64
C PRO B 5 -27.78 -5.82 -12.62
N GLN B 6 -26.85 -5.00 -12.18
CA GLN B 6 -27.20 -3.82 -11.40
C GLN B 6 -27.16 -2.64 -12.35
N ILE B 7 -28.16 -1.79 -12.29
CA ILE B 7 -28.35 -0.77 -13.31
C ILE B 7 -28.42 0.59 -12.68
N GLN B 8 -27.70 1.56 -13.24
CA GLN B 8 -27.86 2.97 -12.86
C GLN B 8 -28.11 3.81 -14.08
N VAL B 9 -28.98 4.80 -13.94
CA VAL B 9 -29.31 5.66 -15.06
C VAL B 9 -29.15 7.08 -14.60
N TYR B 10 -28.30 7.82 -15.28
CA TYR B 10 -27.84 9.11 -14.78
C TYR B 10 -27.21 9.95 -15.89
N SER B 11 -27.22 11.27 -15.69
CA SER B 11 -26.65 12.18 -16.67
C SER B 11 -25.17 12.37 -16.37
N ARG B 12 -24.41 12.75 -17.41
CA ARG B 12 -22.99 13.07 -17.23
C ARG B 12 -22.84 14.41 -16.54
N HIS B 13 -23.65 15.37 -16.93
CA HIS B 13 -23.54 16.70 -16.35
C HIS B 13 -24.79 16.98 -15.53
N PRO B 14 -24.69 17.92 -14.56
CA PRO B 14 -25.89 18.37 -13.90
C PRO B 14 -26.96 18.66 -14.94
N PRO B 15 -28.14 18.04 -14.80
CA PRO B 15 -29.18 18.24 -15.80
C PRO B 15 -29.79 19.62 -15.69
N GLU B 16 -30.10 20.19 -16.84
CA GLU B 16 -30.79 21.45 -16.95
C GLU B 16 -31.75 21.34 -18.12
N ASN B 17 -33.01 21.76 -17.91
CA ASN B 17 -34.01 21.65 -18.96
C ASN B 17 -33.71 22.56 -20.14
N GLY B 18 -33.50 21.93 -21.29
CA GLY B 18 -33.22 22.61 -22.54
C GLY B 18 -31.77 22.50 -22.96
N LYS B 19 -30.94 21.91 -22.10
CA LYS B 19 -29.50 21.85 -22.32
C LYS B 19 -29.03 20.44 -22.73
N PRO B 20 -28.38 20.33 -23.92
CA PRO B 20 -27.82 19.05 -24.33
C PRO B 20 -26.92 18.46 -23.25
N ASN B 21 -26.93 17.13 -23.17
CA ASN B 21 -26.27 16.41 -22.11
C ASN B 21 -26.07 15.00 -22.63
N ILE B 22 -25.44 14.15 -21.82
CA ILE B 22 -25.31 12.73 -22.13
C ILE B 22 -26.06 11.94 -21.06
N LEU B 23 -26.91 10.99 -21.49
CA LEU B 23 -27.55 10.08 -20.57
C LEU B 23 -26.78 8.78 -20.58
N ASN B 24 -26.47 8.27 -19.39
CA ASN B 24 -25.68 7.04 -19.19
C ASN B 24 -26.55 5.97 -18.57
N CYS B 25 -26.41 4.74 -19.05
CA CYS B 25 -26.96 3.58 -18.37
C CYS B 25 -25.80 2.63 -18.07
N TYR B 26 -25.46 2.53 -16.80
CA TYR B 26 -24.28 1.80 -16.35
C TYR B 26 -24.76 0.49 -15.81
N VAL B 27 -24.42 -0.59 -16.51
CA VAL B 27 -24.93 -1.91 -16.18
C VAL B 27 -23.75 -2.73 -15.71
N THR B 28 -23.82 -3.21 -14.48
CA THR B 28 -22.69 -3.87 -13.88
C THR B 28 -23.07 -5.18 -13.20
N GLN B 29 -22.07 -5.96 -12.86
CA GLN B 29 -22.22 -7.06 -11.92
C GLN B 29 -23.02 -8.24 -12.48
N PHE B 30 -22.90 -8.49 -13.79
CA PHE B 30 -23.66 -9.55 -14.41
C PHE B 30 -22.81 -10.69 -14.98
N HIS B 31 -23.45 -11.83 -15.15
CA HIS B 31 -22.86 -12.99 -15.81
C HIS B 31 -23.99 -13.87 -16.27
N PRO B 32 -23.89 -14.42 -17.48
CA PRO B 32 -22.82 -14.34 -18.45
C PRO B 32 -22.80 -13.01 -19.20
N PRO B 33 -21.78 -12.77 -20.00
CA PRO B 33 -21.63 -11.44 -20.55
C PRO B 33 -22.62 -11.04 -21.64
N HIS B 34 -23.33 -12.02 -22.23
CA HIS B 34 -24.36 -11.69 -23.18
C HIS B 34 -25.46 -10.85 -22.54
N ILE B 35 -25.72 -9.67 -23.10
CA ILE B 35 -26.70 -8.74 -22.58
C ILE B 35 -27.27 -7.80 -23.68
N GLU B 36 -28.53 -7.46 -23.57
CA GLU B 36 -29.15 -6.51 -24.49
C GLU B 36 -29.59 -5.30 -23.69
N ILE B 37 -29.16 -4.13 -24.13
CA ILE B 37 -29.47 -2.94 -23.41
C ILE B 37 -30.14 -1.97 -24.38
N GLN B 38 -31.20 -1.31 -23.90
CA GLN B 38 -31.89 -0.26 -24.66
C GLN B 38 -32.15 0.96 -23.81
N MET B 39 -32.05 2.12 -24.44
CA MET B 39 -32.41 3.35 -23.78
C MET B 39 -33.65 3.92 -24.43
N LEU B 40 -34.57 4.36 -23.60
CA LEU B 40 -35.92 4.69 -24.02
C LEU B 40 -36.20 6.17 -23.72
N LYS B 41 -36.99 6.79 -24.59
CA LYS B 41 -37.51 8.11 -24.35
C LYS B 41 -39.00 8.00 -24.45
N ASN B 42 -39.71 8.41 -23.41
CA ASN B 42 -41.16 8.34 -23.39
C ASN B 42 -41.67 7.02 -23.98
N GLY B 43 -41.05 5.93 -23.55
CA GLY B 43 -41.43 4.58 -23.94
C GLY B 43 -40.88 4.09 -25.28
N LYS B 44 -40.17 4.96 -26.00
CA LYS B 44 -39.72 4.68 -27.36
C LYS B 44 -38.19 4.58 -27.45
N LYS B 45 -37.72 3.65 -28.28
CA LYS B 45 -36.29 3.32 -28.43
C LYS B 45 -35.49 4.52 -28.93
N ILE B 46 -34.44 4.88 -28.22
CA ILE B 46 -33.53 5.93 -28.69
C ILE B 46 -32.55 5.32 -29.71
N PRO B 47 -32.37 5.99 -30.86
CA PRO B 47 -31.77 5.21 -31.94
C PRO B 47 -30.24 5.00 -31.86
N LYS B 48 -29.49 6.05 -31.55
CA LYS B 48 -28.02 5.95 -31.74
C LYS B 48 -27.34 5.73 -30.42
N VAL B 49 -27.68 4.63 -29.78
CA VAL B 49 -27.19 4.39 -28.43
C VAL B 49 -25.83 3.75 -28.53
N GLU B 50 -24.83 4.41 -27.96
CA GLU B 50 -23.46 3.90 -28.00
C GLU B 50 -23.15 3.01 -26.80
N MET B 51 -22.29 2.04 -27.04
CA MET B 51 -22.05 0.99 -26.11
C MET B 51 -20.55 0.88 -25.98
N SER B 52 -20.03 0.91 -24.76
CA SER B 52 -18.63 0.73 -24.54
C SER B 52 -18.33 -0.75 -24.79
N ASP B 53 -17.07 -1.08 -25.01
CA ASP B 53 -16.72 -2.47 -25.18
C ASP B 53 -16.87 -3.19 -23.84
N MET B 54 -17.09 -4.50 -23.86
CA MET B 54 -17.32 -5.13 -22.56
C MET B 54 -15.99 -5.31 -21.84
N SER B 55 -16.11 -5.31 -20.52
CA SER B 55 -14.98 -5.42 -19.63
C SER B 55 -15.44 -6.18 -18.40
N PHE B 56 -14.50 -6.52 -17.53
CA PHE B 56 -14.89 -7.11 -16.26
C PHE B 56 -14.02 -6.65 -15.11
N SER B 57 -14.56 -6.87 -13.91
CA SER B 57 -13.95 -6.42 -12.67
C SER B 57 -13.14 -7.51 -11.98
N LYS B 58 -12.38 -7.09 -10.97
CA LYS B 58 -11.58 -8.02 -10.18
C LYS B 58 -12.33 -9.25 -9.69
N ASP B 59 -13.63 -9.11 -9.50
CA ASP B 59 -14.47 -10.20 -9.00
C ASP B 59 -15.12 -11.02 -10.13
N TRP B 60 -14.64 -10.82 -11.37
CA TRP B 60 -15.04 -11.58 -12.56
C TRP B 60 -16.35 -11.16 -13.22
N SER B 61 -17.17 -10.39 -12.54
CA SER B 61 -18.43 -9.96 -13.10
C SER B 61 -18.17 -8.96 -14.21
N PHE B 62 -19.11 -8.90 -15.16
CA PHE B 62 -19.00 -8.04 -16.32
C PHE B 62 -19.71 -6.69 -16.13
N TYR B 63 -19.22 -5.66 -16.80
CA TYR B 63 -19.88 -4.36 -16.79
C TYR B 63 -19.83 -3.68 -18.15
N ILE B 64 -20.72 -2.73 -18.35
CA ILE B 64 -20.82 -2.07 -19.63
C ILE B 64 -21.59 -0.75 -19.53
N LEU B 65 -21.13 0.26 -20.27
CA LEU B 65 -21.74 1.59 -20.26
C LEU B 65 -22.45 1.91 -21.58
N ALA B 66 -23.77 2.01 -21.52
CA ALA B 66 -24.54 2.51 -22.65
C ALA B 66 -24.73 4.01 -22.42
N HIS B 67 -24.61 4.80 -23.50
CA HIS B 67 -24.84 6.22 -23.40
C HIS B 67 -25.29 6.82 -24.72
N THR B 68 -25.98 7.96 -24.60
CA THR B 68 -26.61 8.62 -25.75
C THR B 68 -26.76 10.11 -25.49
N GLU B 69 -26.75 10.90 -26.54
CA GLU B 69 -26.99 12.32 -26.39
C GLU B 69 -28.46 12.51 -26.06
N PHE B 70 -28.74 13.45 -25.16
CA PHE B 70 -30.12 13.82 -24.91
C PHE B 70 -30.22 15.23 -24.41
N THR B 71 -31.44 15.76 -24.50
CA THR B 71 -31.75 17.08 -24.01
C THR B 71 -32.96 16.90 -23.13
N PRO B 72 -32.76 16.90 -21.81
CA PRO B 72 -33.89 16.78 -20.92
C PRO B 72 -34.84 17.96 -21.05
N THR B 73 -36.14 17.67 -21.09
CA THR B 73 -37.15 18.66 -20.82
C THR B 73 -37.82 18.24 -19.52
N GLU B 74 -38.81 19.04 -19.08
CA GLU B 74 -39.53 18.78 -17.83
C GLU B 74 -40.47 17.58 -17.90
N THR B 75 -40.95 17.26 -19.10
CA THR B 75 -42.05 16.31 -19.25
C THR B 75 -41.60 14.92 -19.76
N ASP B 76 -40.37 14.83 -20.23
CA ASP B 76 -39.86 13.60 -20.82
C ASP B 76 -39.38 12.61 -19.78
N THR B 77 -39.75 11.37 -19.96
CA THR B 77 -39.22 10.36 -19.07
C THR B 77 -38.29 9.48 -19.86
N TYR B 78 -37.13 9.22 -19.28
CA TYR B 78 -36.07 8.43 -19.89
C TYR B 78 -35.82 7.17 -19.08
N ALA B 79 -35.51 6.08 -19.76
CA ALA B 79 -35.42 4.80 -19.10
C ALA B 79 -34.35 3.95 -19.75
N CYS B 80 -33.78 3.03 -18.99
CA CYS B 80 -32.88 2.01 -19.52
C CYS B 80 -33.52 0.66 -19.33
N ARG B 81 -33.46 -0.18 -20.34
CA ARG B 81 -34.19 -1.43 -20.35
C ARG B 81 -33.25 -2.57 -20.67
N VAL B 82 -32.93 -3.38 -19.65
CA VAL B 82 -31.92 -4.45 -19.76
C VAL B 82 -32.55 -5.83 -19.84
N LYS B 83 -32.14 -6.61 -20.83
CA LYS B 83 -32.52 -8.00 -20.96
C LYS B 83 -31.29 -8.89 -20.78
N HIS B 84 -31.45 -9.95 -19.97
CA HIS B 84 -30.32 -10.78 -19.58
C HIS B 84 -30.82 -12.12 -19.05
N ASP B 85 -30.02 -13.18 -19.23
CA ASP B 85 -30.49 -14.53 -18.88
C ASP B 85 -30.82 -14.77 -17.40
N SER B 86 -30.18 -14.00 -16.53
CA SER B 86 -30.50 -14.01 -15.10
C SER B 86 -31.92 -13.58 -14.76
N MET B 87 -32.59 -12.87 -15.66
CA MET B 87 -33.94 -12.37 -15.40
C MET B 87 -34.93 -12.90 -16.41
N ALA B 88 -36.12 -13.27 -15.96
CA ALA B 88 -37.11 -13.88 -16.84
C ALA B 88 -37.83 -12.83 -17.70
N GLU B 89 -37.80 -11.57 -17.26
CA GLU B 89 -38.37 -10.44 -18.02
C GLU B 89 -37.42 -9.28 -17.98
N PRO B 90 -37.44 -8.43 -19.01
CA PRO B 90 -36.53 -7.31 -19.05
C PRO B 90 -36.71 -6.41 -17.83
N LYS B 91 -35.65 -5.72 -17.41
CA LYS B 91 -35.76 -4.78 -16.31
C LYS B 91 -35.60 -3.36 -16.81
N THR B 92 -36.63 -2.57 -16.57
CA THR B 92 -36.56 -1.16 -16.87
C THR B 92 -36.26 -0.37 -15.61
N VAL B 93 -35.24 0.49 -15.65
CA VAL B 93 -35.08 1.48 -14.57
C VAL B 93 -35.11 2.88 -15.12
N TYR B 94 -35.82 3.75 -14.43
CA TYR B 94 -36.16 5.08 -14.93
C TYR B 94 -35.17 6.15 -14.44
N TRP B 95 -34.91 7.13 -15.30
CA TRP B 95 -34.01 8.20 -14.94
C TRP B 95 -34.68 9.10 -13.92
N ASP B 96 -34.05 9.23 -12.76
CA ASP B 96 -34.43 10.21 -11.76
C ASP B 96 -33.35 11.31 -11.77
N ARG B 97 -33.76 12.56 -12.05
CA ARG B 97 -32.81 13.67 -12.14
C ARG B 97 -32.07 13.97 -10.83
N ASP B 98 -32.65 13.63 -9.69
CA ASP B 98 -32.02 13.87 -8.38
C ASP B 98 -31.02 12.76 -7.95
N MET B 99 -30.79 11.78 -8.81
CA MET B 99 -29.96 10.63 -8.45
C MET B 99 -28.94 10.31 -9.52
N LYS C 1 3.40 -5.37 -21.98
CA LYS C 1 3.30 -6.57 -22.87
C LYS C 1 2.57 -7.73 -22.19
N ALA C 2 1.74 -8.41 -22.98
CA ALA C 2 0.81 -9.40 -22.47
C ALA C 2 1.51 -10.71 -22.13
N PRO C 3 0.96 -11.48 -21.18
CA PRO C 3 1.51 -12.82 -20.90
C PRO C 3 1.24 -13.78 -22.05
N ALA C 4 2.03 -14.83 -22.16
CA ALA C 4 1.77 -15.87 -23.14
C ALA C 4 1.70 -17.16 -22.34
N ASN C 5 0.50 -17.68 -22.18
CA ASN C 5 0.27 -18.82 -21.30
C ASN C 5 1.00 -20.06 -21.76
N PHE C 6 1.24 -20.94 -20.82
CA PHE C 6 2.10 -22.10 -21.03
C PHE C 6 1.19 -23.32 -21.15
N ALA C 7 1.28 -24.28 -20.25
CA ALA C 7 0.40 -25.45 -20.29
C ALA C 7 -1.09 -25.06 -20.41
N THR C 8 -1.84 -25.84 -21.16
CA THR C 8 -3.27 -25.65 -21.23
C THR C 8 -3.91 -26.22 -19.96
N MET C 9 -5.17 -25.89 -19.71
CA MET C 9 -5.84 -26.32 -18.49
C MET C 9 -6.14 -27.81 -18.49
N GLY D 1 0.17 11.36 -0.46
CA GLY D 1 0.90 10.22 0.15
C GLY D 1 0.22 9.68 1.41
N PRO D 2 0.56 8.43 1.80
CA PRO D 2 0.04 7.76 2.98
C PRO D 2 0.74 8.20 4.25
N HIS D 3 0.13 7.93 5.40
CA HIS D 3 0.63 8.42 6.68
C HIS D 3 0.45 7.41 7.79
N SER D 4 1.07 7.68 8.95
CA SER D 4 1.00 6.77 10.09
C SER D 4 1.41 7.42 11.39
N MET D 5 0.87 6.91 12.49
CA MET D 5 1.32 7.24 13.84
C MET D 5 1.65 5.97 14.59
N ARG D 6 2.75 6.00 15.36
CA ARG D 6 3.05 4.89 16.25
C ARG D 6 3.43 5.41 17.62
N TYR D 7 3.15 4.63 18.66
CA TYR D 7 3.77 4.82 19.96
C TYR D 7 4.57 3.57 20.33
N PHE D 8 5.87 3.73 20.50
CA PHE D 8 6.73 2.60 20.84
C PHE D 8 7.01 2.70 22.32
N GLU D 9 6.51 1.75 23.11
CA GLU D 9 6.72 1.83 24.55
C GLU D 9 7.57 0.68 25.07
N THR D 10 8.46 0.96 26.03
CA THR D 10 9.33 -0.05 26.63
C THR D 10 9.33 0.06 28.13
N ALA D 11 9.30 -1.06 28.83
CA ALA D 11 9.65 -1.09 30.25
C ALA D 11 10.74 -2.12 30.46
N VAL D 12 11.77 -1.75 31.20
CA VAL D 12 12.93 -2.61 31.40
C VAL D 12 13.23 -2.77 32.90
N SER D 13 13.31 -4.01 33.36
CA SER D 13 13.65 -4.29 34.73
C SER D 13 15.06 -4.82 34.77
N ARG D 14 15.71 -4.65 35.92
CA ARG D 14 17.11 -5.05 36.11
C ARG D 14 17.42 -5.47 37.56
N PRO D 15 18.38 -6.41 37.74
CA PRO D 15 18.69 -7.08 39.00
C PRO D 15 18.69 -6.20 40.24
N GLY D 16 19.36 -5.06 40.18
CA GLY D 16 19.46 -4.20 41.35
C GLY D 16 18.32 -3.22 41.49
N LEU D 17 17.78 -2.77 40.35
CA LEU D 17 16.80 -1.68 40.34
C LEU D 17 15.48 -2.08 40.98
N GLU D 18 15.01 -1.22 41.90
CA GLU D 18 13.73 -1.38 42.57
C GLU D 18 12.58 -1.37 41.55
N GLU D 19 12.57 -0.34 40.70
CA GLU D 19 11.52 -0.17 39.71
C GLU D 19 12.02 -0.18 38.27
N PRO D 20 11.20 -0.76 37.37
CA PRO D 20 11.49 -0.74 35.95
C PRO D 20 11.61 0.67 35.44
N ARG D 21 12.33 0.84 34.35
CA ARG D 21 12.36 2.10 33.64
C ARG D 21 11.34 2.04 32.52
N TYR D 22 10.59 3.11 32.32
CA TYR D 22 9.56 3.14 31.27
C TYR D 22 9.79 4.31 30.30
N ILE D 23 9.86 3.98 29.01
CA ILE D 23 10.03 4.96 27.94
C ILE D 23 8.94 4.82 26.89
N SER D 24 8.30 5.92 26.55
CA SER D 24 7.35 5.95 25.44
C SER D 24 7.83 6.96 24.41
N VAL D 25 7.91 6.53 23.16
CA VAL D 25 8.28 7.38 22.05
C VAL D 25 7.17 7.36 21.00
N GLY D 26 6.69 8.53 20.61
CA GLY D 26 5.68 8.65 19.57
C GLY D 26 6.30 8.97 18.22
N TYR D 27 5.63 8.58 17.14
CA TYR D 27 6.13 8.80 15.78
C TYR D 27 5.02 9.20 14.80
N VAL D 28 5.23 10.25 14.03
CA VAL D 28 4.33 10.59 12.93
C VAL D 28 5.10 10.50 11.63
N ASP D 29 4.61 9.68 10.71
CA ASP D 29 5.35 9.28 9.51
C ASP D 29 6.78 8.81 9.84
N ASN D 30 6.92 8.12 10.96
CA ASN D 30 8.21 7.65 11.44
C ASN D 30 9.26 8.71 11.84
N LYS D 31 8.83 9.97 11.96
CA LYS D 31 9.66 10.95 12.67
C LYS D 31 9.17 11.00 14.09
N GLU D 32 10.10 11.07 15.03
CA GLU D 32 9.77 11.15 16.44
C GLU D 32 9.21 12.54 16.75
N PHE D 33 8.20 12.63 17.60
CA PHE D 33 7.51 13.91 17.87
C PHE D 33 7.12 14.11 19.34
N VAL D 34 6.91 13.04 20.09
CA VAL D 34 6.77 13.12 21.55
C VAL D 34 7.63 12.06 22.23
N ARG D 35 8.02 12.30 23.47
CA ARG D 35 8.77 11.30 24.23
C ARG D 35 8.55 11.42 25.71
N PHE D 36 8.43 10.27 26.39
CA PHE D 36 8.34 10.22 27.84
C PHE D 36 9.39 9.27 28.37
N ASP D 37 10.06 9.66 29.45
CA ASP D 37 11.10 8.85 30.05
C ASP D 37 11.01 8.95 31.57
N SER D 38 10.76 7.81 32.22
CA SER D 38 10.58 7.77 33.66
C SER D 38 11.84 8.11 34.45
N ASP D 39 13.01 7.96 33.82
CA ASP D 39 14.30 8.27 34.45
C ASP D 39 14.57 9.78 34.52
N ALA D 40 13.84 10.58 33.74
CA ALA D 40 14.00 12.02 33.78
C ALA D 40 13.77 12.56 35.19
N GLU D 41 14.50 13.63 35.50
CA GLU D 41 14.30 14.41 36.73
C GLU D 41 12.81 14.62 37.06
N ASN D 42 12.07 15.18 36.10
CA ASN D 42 10.64 15.44 36.21
C ASN D 42 9.97 14.74 35.04
N PRO D 43 9.60 13.46 35.19
CA PRO D 43 9.11 12.73 34.04
C PRO D 43 7.85 13.34 33.43
N ARG D 44 7.93 13.71 32.16
CA ARG D 44 6.82 14.29 31.43
C ARG D 44 6.98 13.98 29.96
N TYR D 45 5.87 13.93 29.24
CA TYR D 45 5.95 13.89 27.80
C TYR D 45 6.49 15.26 27.35
N GLU D 46 7.55 15.23 26.54
CA GLU D 46 8.14 16.43 25.95
C GLU D 46 7.93 16.42 24.43
N PRO D 47 7.77 17.59 23.81
CA PRO D 47 7.69 17.59 22.37
C PRO D 47 9.06 17.28 21.79
N ARG D 48 9.06 16.67 20.61
CA ARG D 48 10.29 16.26 19.96
C ARG D 48 10.40 16.74 18.53
N ALA D 49 9.41 17.51 18.09
CA ALA D 49 9.44 18.23 16.82
C ALA D 49 8.94 19.65 17.07
N PRO D 50 9.60 20.67 16.49
CA PRO D 50 9.19 22.08 16.69
C PRO D 50 7.70 22.34 16.49
N TRP D 51 7.03 21.48 15.72
CA TRP D 51 5.61 21.68 15.43
C TRP D 51 4.68 21.21 16.55
N MET D 52 5.22 20.56 17.57
CA MET D 52 4.40 20.16 18.72
C MET D 52 4.32 21.24 19.80
N GLU D 53 5.28 22.15 19.83
CA GLU D 53 5.25 23.25 20.79
C GLU D 53 3.93 24.04 20.75
N GLN D 54 3.22 23.95 19.63
CA GLN D 54 1.84 24.43 19.49
C GLN D 54 0.87 23.95 20.58
N GLU D 55 0.87 22.65 20.88
CA GLU D 55 -0.08 22.09 21.84
C GLU D 55 0.05 22.75 23.22
N GLY D 56 -1.08 23.05 23.84
CA GLY D 56 -1.11 23.77 25.11
C GLY D 56 -0.96 22.84 26.31
N PRO D 57 -0.87 23.41 27.53
CA PRO D 57 -0.57 22.68 28.76
C PRO D 57 -1.55 21.58 29.11
N GLU D 58 -2.79 21.69 28.65
CA GLU D 58 -3.77 20.61 28.85
C GLU D 58 -3.31 19.32 28.17
N TYR D 59 -2.80 19.46 26.95
CA TYR D 59 -2.32 18.33 26.18
C TYR D 59 -1.23 17.58 26.96
N TRP D 60 -0.20 18.32 27.37
CA TRP D 60 0.94 17.70 28.02
C TRP D 60 0.56 17.14 29.39
N GLU D 61 -0.40 17.76 30.06
CA GLU D 61 -0.80 17.27 31.38
C GLU D 61 -1.42 15.89 31.22
N ARG D 62 -2.35 15.78 30.28
CA ARG D 62 -3.16 14.59 30.16
C ARG D 62 -2.35 13.47 29.59
N GLU D 63 -1.52 13.77 28.59
CA GLU D 63 -0.62 12.76 28.03
C GLU D 63 0.37 12.31 29.10
N THR D 64 0.88 13.23 29.93
CA THR D 64 1.83 12.83 30.96
C THR D 64 1.17 11.93 31.99
N GLN D 65 -0.05 12.26 32.37
CA GLN D 65 -0.83 11.40 33.26
C GLN D 65 -1.11 10.06 32.61
N LYS D 66 -1.40 10.07 31.31
CA LYS D 66 -1.60 8.82 30.58
C LYS D 66 -0.35 7.95 30.75
N ALA D 67 0.83 8.56 30.61
CA ALA D 67 2.13 7.86 30.74
C ALA D 67 2.31 7.24 32.12
N LYS D 68 1.97 7.98 33.16
CA LYS D 68 2.10 7.42 34.48
C LYS D 68 1.21 6.19 34.70
N GLY D 69 0.08 6.14 34.01
CA GLY D 69 -0.77 4.97 34.00
C GLY D 69 -0.12 3.77 33.31
N GLN D 70 0.53 4.00 32.15
CA GLN D 70 1.21 2.92 31.45
C GLN D 70 2.35 2.41 32.31
N GLU D 71 3.11 3.34 32.89
CA GLU D 71 4.20 2.98 33.78
C GLU D 71 3.75 1.92 34.79
N GLN D 72 2.64 2.19 35.46
CA GLN D 72 2.04 1.21 36.36
C GLN D 72 1.66 -0.11 35.68
N TRP D 73 1.01 0.05 34.54
CA TRP D 73 0.51 -1.08 33.78
C TRP D 73 1.67 -2.01 33.43
N PHE D 74 2.74 -1.45 32.88
CA PHE D 74 3.89 -2.22 32.42
C PHE D 74 4.56 -2.90 33.60
N ARG D 75 4.53 -2.22 34.71
CA ARG D 75 5.17 -2.71 35.90
C ARG D 75 4.46 -3.93 36.48
N VAL D 76 3.15 -3.84 36.65
CA VAL D 76 2.34 -4.96 37.13
C VAL D 76 2.42 -6.14 36.16
N SER D 77 2.46 -5.81 34.87
CA SER D 77 2.48 -6.82 33.80
C SER D 77 3.81 -7.59 33.80
N LEU D 78 4.91 -6.87 33.83
CA LEU D 78 6.24 -7.45 34.06
C LEU D 78 6.22 -8.40 35.24
N ARG D 79 5.52 -8.05 36.30
CA ARG D 79 5.51 -8.89 37.48
C ARG D 79 4.77 -10.17 37.18
N ASN D 80 3.61 -10.03 36.57
CA ASN D 80 2.82 -11.18 36.16
C ASN D 80 3.63 -12.08 35.25
N LEU D 81 4.34 -11.50 34.29
CA LEU D 81 5.05 -12.27 33.31
C LEU D 81 6.14 -13.16 33.92
N LEU D 82 6.90 -12.61 34.86
CA LEU D 82 7.86 -13.40 35.65
C LEU D 82 7.24 -14.70 36.14
N GLY D 83 6.05 -14.58 36.73
CA GLY D 83 5.31 -15.73 37.23
C GLY D 83 4.91 -16.65 36.12
N TYR D 84 4.36 -16.11 35.04
CA TYR D 84 3.92 -16.96 33.95
C TYR D 84 5.04 -17.77 33.39
N TYR D 85 6.26 -17.22 33.37
CA TYR D 85 7.38 -17.91 32.79
C TYR D 85 8.25 -18.61 33.82
N ASN D 86 7.84 -18.58 35.09
CA ASN D 86 8.59 -19.20 36.16
C ASN D 86 10.04 -18.75 36.08
N GLN D 87 10.21 -17.44 35.93
CA GLN D 87 11.52 -16.85 35.95
C GLN D 87 11.72 -16.37 37.38
N SER D 88 12.90 -16.56 37.91
CA SER D 88 13.10 -16.15 39.28
C SER D 88 13.74 -14.76 39.27
N ALA D 89 13.59 -14.05 40.40
CA ALA D 89 14.36 -12.84 40.67
C ALA D 89 15.83 -13.10 40.33
N GLY D 90 16.52 -12.06 39.84
CA GLY D 90 17.95 -12.14 39.53
C GLY D 90 18.31 -11.93 38.07
N GLY D 91 17.34 -11.43 37.28
CA GLY D 91 17.54 -11.21 35.83
C GLY D 91 17.03 -9.88 35.31
N SER D 92 17.31 -9.65 34.02
CA SER D 92 16.81 -8.49 33.25
C SER D 92 15.64 -8.89 32.37
N HIS D 93 14.65 -8.02 32.25
CA HIS D 93 13.45 -8.34 31.47
C HIS D 93 12.94 -7.11 30.78
N THR D 94 12.36 -7.30 29.59
CA THR D 94 11.82 -6.20 28.83
C THR D 94 10.40 -6.50 28.36
N LEU D 95 9.56 -5.48 28.46
CA LEU D 95 8.24 -5.57 27.92
C LEU D 95 8.07 -4.40 26.97
N GLN D 96 7.60 -4.67 25.76
CA GLN D 96 7.60 -3.67 24.71
C GLN D 96 6.22 -3.64 24.08
N GLN D 97 5.79 -2.46 23.65
CA GLN D 97 4.49 -2.31 23.01
C GLN D 97 4.63 -1.41 21.77
N MET D 98 4.01 -1.82 20.66
CA MET D 98 3.83 -0.93 19.50
C MET D 98 2.33 -0.77 19.24
N SER D 99 1.88 0.47 19.12
CA SER D 99 0.48 0.78 18.92
C SER D 99 0.39 1.93 17.93
N GLY D 100 -0.70 1.97 17.16
CA GLY D 100 -0.89 3.04 16.21
C GLY D 100 -1.78 2.69 15.04
N CYS D 101 -1.80 3.58 14.06
CA CYS D 101 -2.68 3.47 12.93
C CYS D 101 -1.96 3.90 11.65
N ASP D 102 -2.35 3.29 10.53
CA ASP D 102 -1.89 3.67 9.18
C ASP D 102 -3.04 4.26 8.39
N LEU D 103 -2.78 5.38 7.71
CA LEU D 103 -3.76 5.97 6.82
C LEU D 103 -3.29 5.87 5.38
N GLY D 104 -4.22 5.71 4.45
CA GLY D 104 -3.90 5.75 3.02
C GLY D 104 -3.78 7.18 2.56
N SER D 105 -3.44 7.38 1.28
CA SER D 105 -3.35 8.75 0.76
C SER D 105 -4.65 9.54 0.98
N ASP D 106 -5.77 8.83 1.04
CA ASP D 106 -7.06 9.49 1.28
C ASP D 106 -7.28 9.93 2.73
N TRP D 107 -6.38 9.52 3.63
CA TRP D 107 -6.43 9.83 5.07
C TRP D 107 -7.40 8.93 5.87
N ARG D 108 -8.04 7.97 5.20
CA ARG D 108 -8.90 6.99 5.90
C ARG D 108 -8.06 5.93 6.54
N LEU D 109 -8.54 5.40 7.66
CA LEU D 109 -7.83 4.31 8.32
C LEU D 109 -7.59 3.18 7.32
N LEU D 110 -6.35 2.72 7.26
CA LEU D 110 -5.95 1.60 6.44
C LEU D 110 -5.72 0.37 7.32
N ARG D 111 -5.20 0.59 8.52
CA ARG D 111 -4.82 -0.51 9.41
C ARG D 111 -4.49 0.01 10.81
N GLY D 112 -5.01 -0.66 11.84
CA GLY D 112 -4.60 -0.42 13.22
C GLY D 112 -3.56 -1.45 13.64
N TYR D 113 -2.75 -1.10 14.64
CA TYR D 113 -1.68 -1.95 15.16
C TYR D 113 -1.71 -1.94 16.68
N LEU D 114 -1.61 -3.11 17.29
CA LEU D 114 -1.46 -3.25 18.73
C LEU D 114 -0.74 -4.56 18.94
N GLN D 115 0.56 -4.50 19.25
CA GLN D 115 1.34 -5.70 19.56
C GLN D 115 2.30 -5.45 20.73
N PHE D 116 2.72 -6.55 21.36
CA PHE D 116 3.54 -6.57 22.55
C PHE D 116 4.62 -7.65 22.41
N ALA D 117 5.80 -7.36 22.94
CA ALA D 117 6.87 -8.33 23.02
C ALA D 117 7.42 -8.40 24.44
N TYR D 118 7.81 -9.61 24.82
CA TYR D 118 8.45 -9.89 26.06
C TYR D 118 9.78 -10.50 25.73
N GLU D 119 10.82 -10.04 26.40
CA GLU D 119 12.19 -10.46 26.12
C GLU D 119 12.57 -10.28 24.64
N GLY D 120 11.93 -9.32 23.96
CA GLY D 120 12.22 -9.07 22.56
C GLY D 120 11.54 -10.05 21.61
N ARG D 121 10.55 -10.74 22.11
CA ARG D 121 9.85 -11.74 21.34
C ARG D 121 8.36 -11.51 21.38
N ASP D 122 7.70 -11.80 20.26
CA ASP D 122 6.26 -11.67 20.12
C ASP D 122 5.60 -12.36 21.28
N TYR D 123 4.74 -11.65 21.99
CA TYR D 123 4.06 -12.22 23.14
C TYR D 123 2.58 -12.31 22.86
N ILE D 124 1.99 -11.17 22.53
CA ILE D 124 0.59 -11.14 22.09
C ILE D 124 0.37 -9.93 21.22
N ALA D 125 -0.47 -10.10 20.19
CA ALA D 125 -0.75 -9.07 19.22
C ALA D 125 -2.21 -9.06 18.78
N LEU D 126 -2.75 -7.88 18.52
CA LEU D 126 -4.10 -7.74 18.04
C LEU D 126 -4.08 -7.94 16.55
N ASN D 127 -4.95 -8.83 16.07
CA ASN D 127 -5.05 -9.09 14.65
C ASN D 127 -5.63 -7.91 13.85
N GLU D 128 -5.35 -7.89 12.55
CA GLU D 128 -5.80 -6.82 11.66
C GLU D 128 -7.30 -6.58 11.76
N ASP D 129 -8.08 -7.64 12.03
CA ASP D 129 -9.53 -7.47 12.26
C ASP D 129 -9.90 -6.60 13.47
N LEU D 130 -8.92 -6.33 14.32
CA LEU D 130 -9.10 -5.59 15.57
C LEU D 130 -10.14 -6.22 16.47
N LYS D 131 -10.40 -7.50 16.26
CA LYS D 131 -11.36 -8.26 17.08
C LYS D 131 -10.73 -9.46 17.79
N THR D 132 -9.72 -10.07 17.20
CA THR D 132 -9.14 -11.29 17.74
C THR D 132 -7.65 -11.16 18.03
N TRP D 133 -7.15 -11.98 18.94
CA TRP D 133 -5.73 -11.92 19.32
C TRP D 133 -4.95 -13.11 18.77
N THR D 134 -3.66 -12.87 18.50
CA THR D 134 -2.75 -13.95 18.25
C THR D 134 -1.69 -14.00 19.35
N ALA D 135 -1.42 -15.21 19.84
CA ALA D 135 -0.56 -15.43 20.99
C ALA D 135 0.02 -16.82 20.86
N ALA D 136 1.30 -16.87 20.51
CA ALA D 136 2.00 -18.13 20.29
C ALA D 136 2.25 -18.95 21.57
N ASP D 137 2.83 -18.32 22.58
CA ASP D 137 3.41 -19.03 23.72
C ASP D 137 2.36 -19.62 24.65
N MET D 138 2.67 -20.76 25.26
CA MET D 138 1.77 -21.33 26.26
C MET D 138 1.57 -20.37 27.45
N ALA D 139 2.63 -19.71 27.88
CA ALA D 139 2.50 -18.64 28.90
C ALA D 139 1.55 -17.54 28.44
N ALA D 140 1.55 -17.22 27.16
CA ALA D 140 0.74 -16.11 26.66
C ALA D 140 -0.76 -16.40 26.61
N GLN D 141 -1.17 -17.67 26.74
CA GLN D 141 -2.59 -18.00 26.60
C GLN D 141 -3.36 -17.41 27.75
N ILE D 142 -2.71 -17.43 28.91
CA ILE D 142 -3.24 -16.84 30.14
C ILE D 142 -3.73 -15.40 29.87
N THR D 143 -2.89 -14.61 29.24
CA THR D 143 -3.24 -13.24 28.86
C THR D 143 -4.37 -13.25 27.85
N ARG D 144 -4.23 -14.02 26.78
CA ARG D 144 -5.19 -14.00 25.68
C ARG D 144 -6.61 -14.25 26.20
N ARG D 145 -6.75 -15.24 27.08
CA ARG D 145 -8.03 -15.48 27.73
C ARG D 145 -8.52 -14.28 28.55
N LYS D 146 -7.67 -13.77 29.43
CA LYS D 146 -7.98 -12.62 30.29
C LYS D 146 -8.54 -11.46 29.47
N TRP D 147 -7.91 -11.23 28.33
CA TRP D 147 -8.25 -10.13 27.45
C TRP D 147 -9.48 -10.39 26.61
N GLU D 148 -9.65 -11.64 26.16
CA GLU D 148 -10.93 -12.09 25.56
C GLU D 148 -12.09 -11.89 26.53
N GLN D 149 -11.98 -12.47 27.71
CA GLN D 149 -13.02 -12.39 28.75
C GLN D 149 -13.35 -10.95 29.18
N SER D 150 -12.43 -10.02 28.99
CA SER D 150 -12.63 -8.63 29.44
C SER D 150 -13.00 -7.69 28.30
N GLY D 151 -13.10 -8.21 27.09
CA GLY D 151 -13.38 -7.38 25.92
C GLY D 151 -12.32 -6.36 25.58
N ALA D 152 -11.08 -6.61 25.97
CA ALA D 152 -9.97 -5.70 25.67
C ALA D 152 -9.95 -5.22 24.23
N ALA D 153 -10.11 -6.15 23.28
CA ALA D 153 -10.02 -5.80 21.85
C ALA D 153 -10.94 -4.65 21.44
N GLU D 154 -12.16 -4.63 21.96
CA GLU D 154 -13.10 -3.60 21.59
C GLU D 154 -12.65 -2.23 22.05
N HIS D 155 -11.96 -2.19 23.18
CA HIS D 155 -11.51 -0.93 23.73
C HIS D 155 -10.33 -0.41 22.92
N TYR D 156 -9.38 -1.29 22.63
CA TYR D 156 -8.25 -0.93 21.79
C TYR D 156 -8.73 -0.59 20.38
N LYS D 157 -9.74 -1.30 19.89
CA LYS D 157 -10.30 -1.01 18.59
C LYS D 157 -10.76 0.43 18.53
N ALA D 158 -11.57 0.81 19.52
CA ALA D 158 -12.10 2.17 19.62
C ALA D 158 -10.97 3.20 19.58
N TYR D 159 -9.86 2.92 20.25
CA TYR D 159 -8.72 3.81 20.25
C TYR D 159 -8.10 3.92 18.86
N LEU D 160 -7.85 2.77 18.25
CA LEU D 160 -7.13 2.71 16.97
C LEU D 160 -7.91 3.34 15.81
N GLU D 161 -9.22 3.10 15.78
CA GLU D 161 -10.11 3.64 14.77
C GLU D 161 -10.49 5.07 15.04
N GLY D 162 -10.39 5.48 16.32
CA GLY D 162 -10.91 6.78 16.75
C GLY D 162 -9.81 7.79 17.04
N GLU D 163 -9.40 7.88 18.30
CA GLU D 163 -8.42 8.85 18.73
C GLU D 163 -7.19 8.86 17.79
N CYS D 164 -6.62 7.68 17.55
CA CYS D 164 -5.36 7.55 16.79
C CYS D 164 -5.46 8.18 15.41
N VAL D 165 -6.54 7.88 14.70
CA VAL D 165 -6.82 8.49 13.39
C VAL D 165 -7.11 10.00 13.56
N GLU D 166 -7.99 10.32 14.49
CA GLU D 166 -8.38 11.73 14.73
C GLU D 166 -7.17 12.61 15.00
N TRP D 167 -6.31 12.21 15.92
CA TRP D 167 -5.17 13.04 16.31
C TRP D 167 -4.01 13.02 15.31
N LEU D 168 -3.85 11.92 14.58
CA LEU D 168 -2.87 11.88 13.49
C LEU D 168 -3.30 12.88 12.43
N HIS D 169 -4.59 12.87 12.06
CA HIS D 169 -5.10 13.87 11.14
C HIS D 169 -4.65 15.24 11.60
N ARG D 170 -4.86 15.50 12.88
CA ARG D 170 -4.55 16.80 13.46
C ARG D 170 -3.05 17.10 13.40
N TYR D 171 -2.24 16.11 13.76
CA TYR D 171 -0.80 16.29 13.70
C TYR D 171 -0.35 16.58 12.27
N LEU D 172 -0.94 15.87 11.32
CA LEU D 172 -0.60 16.03 9.91
C LEU D 172 -0.93 17.42 9.38
N LYS D 173 -2.01 17.98 9.87
CA LYS D 173 -2.43 19.29 9.49
C LYS D 173 -1.54 20.35 10.09
N ASN D 174 -1.07 20.12 11.31
CA ASN D 174 -0.25 21.11 11.99
C ASN D 174 1.16 21.30 11.44
N GLY D 175 1.76 20.28 10.87
CA GLY D 175 3.07 20.43 10.29
C GLY D 175 3.68 19.13 9.89
N ALA D 177 4.49 20.20 6.22
CA ALA D 177 5.45 21.18 6.71
C ALA D 177 6.90 20.72 6.63
N THR D 178 7.19 19.56 7.21
CA THR D 178 8.54 19.05 7.43
C THR D 178 8.41 17.55 7.41
N LEU D 179 7.23 17.15 6.98
CA LEU D 179 6.68 15.88 7.29
C LEU D 179 6.05 15.30 6.06
N LEU D 180 5.26 16.13 5.39
CA LEU D 180 4.54 15.71 4.19
C LEU D 180 5.53 15.32 3.11
N ARG D 181 6.60 16.12 3.03
CA ARG D 181 7.49 16.04 1.92
C ARG D 181 8.58 14.97 2.09
N THR D 182 9.08 14.53 0.94
CA THR D 182 10.17 13.59 0.84
C THR D 182 11.39 14.30 0.26
N ASP D 183 12.58 13.73 0.50
CA ASP D 183 13.82 14.20 -0.13
C ASP D 183 14.38 13.09 -1.01
N SER D 184 14.55 13.39 -2.28
CA SER D 184 15.06 12.41 -3.24
C SER D 184 16.53 12.07 -2.99
N PRO D 185 16.95 10.85 -3.33
CA PRO D 185 18.36 10.53 -3.16
C PRO D 185 19.23 11.17 -4.23
N LYS D 186 20.47 11.45 -3.86
CA LYS D 186 21.44 11.95 -4.82
C LYS D 186 22.55 10.91 -4.87
N ALA D 187 22.77 10.37 -6.08
CA ALA D 187 23.62 9.21 -6.28
C ALA D 187 24.93 9.56 -7.01
N HIS D 188 25.98 8.85 -6.62
CA HIS D 188 27.23 8.87 -7.35
C HIS D 188 27.95 7.55 -7.14
N VAL D 189 29.00 7.34 -7.94
CA VAL D 189 29.77 6.11 -7.88
C VAL D 189 31.26 6.43 -7.65
N THR D 190 31.88 5.67 -6.75
CA THR D 190 33.30 5.83 -6.47
C THR D 190 34.05 4.57 -6.86
N HIS D 191 35.32 4.76 -7.19
CA HIS D 191 36.20 3.71 -7.72
C HIS D 191 37.27 3.46 -6.65
N HIS D 192 37.51 2.21 -6.32
CA HIS D 192 38.52 1.86 -5.33
C HIS D 192 39.24 0.62 -5.75
N PRO D 193 40.57 0.57 -5.60
CA PRO D 193 41.30 -0.65 -5.92
C PRO D 193 40.90 -1.72 -4.93
N ARG D 194 40.86 -2.97 -5.38
CA ARG D 194 40.51 -4.06 -4.48
C ARG D 194 41.62 -5.10 -4.47
N SER D 195 41.91 -5.65 -5.65
CA SER D 195 42.94 -6.65 -5.78
C SER D 195 43.72 -6.35 -7.05
N LYS D 196 44.62 -7.27 -7.41
CA LYS D 196 45.16 -7.31 -8.76
C LYS D 196 43.99 -7.62 -9.67
N GLY D 197 44.12 -7.32 -10.95
CA GLY D 197 43.06 -7.55 -11.96
C GLY D 197 41.69 -6.94 -11.73
N GLU D 198 41.35 -6.58 -10.49
CA GLU D 198 39.98 -6.21 -10.12
C GLU D 198 39.89 -4.94 -9.28
N VAL D 199 38.75 -4.27 -9.39
CA VAL D 199 38.49 -3.03 -8.66
C VAL D 199 37.13 -3.10 -7.97
N THR D 200 36.81 -2.06 -7.20
CA THR D 200 35.52 -1.98 -6.50
C THR D 200 34.74 -0.76 -6.95
N LEU D 201 33.53 -0.99 -7.47
CA LEU D 201 32.61 0.07 -7.79
C LEU D 201 31.60 0.18 -6.66
N ARG D 202 31.44 1.39 -6.13
CA ARG D 202 30.56 1.60 -4.99
C ARG D 202 29.53 2.70 -5.28
N CYS D 203 28.26 2.29 -5.40
CA CYS D 203 27.16 3.20 -5.66
C CYS D 203 26.64 3.78 -4.36
N TRP D 204 26.87 5.07 -4.18
CA TRP D 204 26.41 5.76 -2.99
C TRP D 204 25.06 6.36 -3.29
N ALA D 205 24.11 6.20 -2.38
CA ALA D 205 22.92 7.05 -2.37
C ALA D 205 22.97 7.89 -1.10
N LEU D 206 22.64 9.18 -1.22
CA LEU D 206 22.71 10.13 -0.08
C LEU D 206 21.60 11.17 -0.05
N GLY D 207 21.37 11.73 1.14
CA GLY D 207 20.47 12.85 1.35
C GLY D 207 18.99 12.55 1.22
N PHE D 208 18.60 11.30 1.40
CA PHE D 208 17.21 10.91 1.13
C PHE D 208 16.36 10.75 2.39
N TYR D 209 15.05 11.01 2.25
CA TYR D 209 14.04 10.69 3.28
C TYR D 209 12.76 10.31 2.53
N PRO D 210 12.09 9.22 2.96
CA PRO D 210 12.36 8.30 4.06
C PRO D 210 13.41 7.23 3.75
N ALA D 211 13.66 6.36 4.73
CA ALA D 211 14.74 5.38 4.70
C ALA D 211 14.62 4.34 3.59
N ASP D 212 13.39 3.95 3.29
CA ASP D 212 13.14 2.90 2.31
C ASP D 212 13.76 3.32 0.96
N ILE D 213 14.57 2.42 0.41
CA ILE D 213 15.31 2.66 -0.81
C ILE D 213 15.85 1.30 -1.32
N THR D 214 16.11 1.19 -2.61
CA THR D 214 16.76 0.01 -3.14
C THR D 214 17.86 0.39 -4.11
N LEU D 215 19.00 -0.25 -3.93
CA LEU D 215 20.15 -0.08 -4.81
C LEU D 215 20.45 -1.39 -5.52
N THR D 216 20.70 -1.32 -6.82
CA THR D 216 21.06 -2.52 -7.57
C THR D 216 22.18 -2.22 -8.55
N TRP D 217 22.87 -3.29 -8.98
CA TRP D 217 23.92 -3.22 -10.00
C TRP D 217 23.57 -4.23 -11.09
N GLN D 218 23.77 -3.87 -12.35
CA GLN D 218 23.59 -4.84 -13.43
C GLN D 218 24.69 -4.80 -14.51
N LEU D 219 24.82 -5.94 -15.19
CA LEU D 219 25.83 -6.17 -16.22
C LEU D 219 25.15 -6.70 -17.47
N ASN D 220 24.77 -5.79 -18.36
CA ASN D 220 24.04 -6.15 -19.58
C ASN D 220 22.64 -6.69 -19.24
N GLY D 221 22.04 -6.17 -18.17
CA GLY D 221 20.63 -6.37 -17.89
C GLY D 221 20.26 -7.29 -16.75
N GLU D 222 21.24 -8.00 -16.17
CA GLU D 222 20.98 -8.91 -15.03
C GLU D 222 21.45 -8.32 -13.71
N GLU D 223 20.63 -8.44 -12.65
CA GLU D 223 21.00 -7.96 -11.31
C GLU D 223 21.95 -8.94 -10.61
N LEU D 224 22.47 -8.58 -9.45
CA LEU D 224 23.60 -9.31 -8.84
C LEU D 224 23.50 -9.61 -7.32
N MET D 228 27.68 -8.85 -4.75
CA MET D 228 27.41 -7.48 -4.35
C MET D 228 27.34 -7.33 -2.83
N GLU D 229 27.96 -6.28 -2.28
CA GLU D 229 27.79 -5.92 -0.86
C GLU D 229 26.92 -4.65 -0.68
N LEU D 230 26.08 -4.69 0.34
CA LEU D 230 25.22 -3.56 0.70
C LEU D 230 25.30 -3.31 2.20
N VAL D 231 25.39 -2.03 2.59
CA VAL D 231 25.23 -1.65 3.98
C VAL D 231 23.76 -1.47 4.28
N GLU D 232 23.41 -1.62 5.55
CA GLU D 232 22.06 -1.28 6.05
C GLU D 232 21.90 0.22 5.99
N THR D 233 20.72 0.68 5.59
CA THR D 233 20.41 2.09 5.56
C THR D 233 20.70 2.78 6.90
N ARG D 234 21.40 3.90 6.86
CA ARG D 234 21.91 4.51 8.07
C ARG D 234 21.58 6.02 8.12
N PRO D 235 21.29 6.56 9.32
CA PRO D 235 20.98 7.98 9.41
C PRO D 235 22.20 8.85 9.24
N ALA D 236 22.09 9.89 8.42
CA ALA D 236 23.15 10.91 8.33
C ALA D 236 23.26 11.63 9.68
N GLY D 237 22.13 11.65 10.38
CA GLY D 237 22.00 12.32 11.68
C GLY D 237 21.40 13.70 11.58
N ASP D 238 20.85 14.03 10.40
CA ASP D 238 20.29 15.35 10.12
C ASP D 238 18.89 15.17 9.60
N GLY D 239 18.32 14.00 9.87
CA GLY D 239 17.00 13.65 9.37
C GLY D 239 17.00 12.83 8.12
N THR D 240 18.10 12.86 7.35
CA THR D 240 18.21 12.08 6.12
C THR D 240 19.05 10.77 6.28
N PHE D 241 19.08 9.99 5.21
CA PHE D 241 19.66 8.64 5.26
C PHE D 241 20.69 8.38 4.18
N GLN D 242 21.53 7.37 4.43
CA GLN D 242 22.60 7.01 3.51
C GLN D 242 22.51 5.52 3.25
N LYS D 243 22.89 5.12 2.04
CA LYS D 243 23.10 3.71 1.72
C LYS D 243 24.05 3.59 0.54
N TRP D 244 24.81 2.52 0.51
CA TRP D 244 25.62 2.21 -0.65
C TRP D 244 25.60 0.73 -0.98
N ALA D 245 25.98 0.42 -2.21
CA ALA D 245 26.07 -0.95 -2.67
C ALA D 245 27.31 -1.10 -3.56
N SER D 246 28.07 -2.16 -3.35
CA SER D 246 29.33 -2.31 -4.07
C SER D 246 29.48 -3.65 -4.78
N VAL D 247 30.18 -3.61 -5.91
CA VAL D 247 30.47 -4.81 -6.68
C VAL D 247 31.92 -4.77 -7.14
N VAL D 248 32.54 -5.95 -7.16
CA VAL D 248 33.91 -6.11 -7.63
C VAL D 248 33.88 -6.31 -9.14
N VAL D 249 34.71 -5.54 -9.85
CA VAL D 249 34.69 -5.46 -11.31
C VAL D 249 36.10 -5.64 -11.89
N PRO D 250 36.25 -6.37 -13.02
CA PRO D 250 37.50 -6.41 -13.77
C PRO D 250 38.03 -5.05 -14.21
N LEU D 251 39.35 -4.88 -14.17
CA LEU D 251 40.02 -3.63 -14.58
C LEU D 251 39.84 -3.35 -16.08
N GLY D 252 39.34 -2.16 -16.39
CA GLY D 252 39.11 -1.76 -17.79
C GLY D 252 37.75 -2.16 -18.36
N LYS D 253 36.87 -2.73 -17.53
CA LYS D 253 35.54 -3.18 -17.96
C LYS D 253 34.46 -2.57 -17.08
N GLU D 254 34.70 -1.35 -16.60
CA GLU D 254 33.81 -0.70 -15.63
C GLU D 254 32.61 0.01 -16.25
N GLN D 255 32.68 0.34 -17.54
CA GLN D 255 31.54 0.98 -18.20
C GLN D 255 30.43 0.00 -18.59
N ASN D 256 30.64 -1.29 -18.34
CA ASN D 256 29.58 -2.30 -18.52
C ASN D 256 28.59 -2.33 -17.35
N TYR D 257 29.08 -1.93 -16.17
CA TYR D 257 28.31 -2.02 -14.94
C TYR D 257 27.52 -0.74 -14.69
N THR D 258 26.23 -0.89 -14.38
CA THR D 258 25.33 0.24 -14.15
C THR D 258 24.58 0.08 -12.83
N CYS D 259 24.57 1.15 -12.04
CA CYS D 259 23.86 1.21 -10.77
C CYS D 259 22.48 1.81 -10.97
N ARG D 260 21.51 1.30 -10.21
CA ARG D 260 20.14 1.80 -10.24
C ARG D 260 19.72 2.13 -8.83
N VAL D 261 19.03 3.26 -8.67
CA VAL D 261 18.52 3.74 -7.37
C VAL D 261 16.99 3.92 -7.43
N TYR D 262 16.28 3.29 -6.49
CA TYR D 262 14.82 3.31 -6.46
C TYR D 262 14.32 3.94 -5.16
N HIS D 263 13.46 4.96 -5.27
CA HIS D 263 12.98 5.71 -4.10
C HIS D 263 11.69 6.45 -4.37
N GLU D 264 10.75 6.38 -3.44
CA GLU D 264 9.43 6.96 -3.65
C GLU D 264 9.49 8.44 -4.05
N GLY D 265 10.49 9.15 -3.57
CA GLY D 265 10.69 10.56 -3.88
C GLY D 265 11.03 10.84 -5.31
N LEU D 266 11.52 9.84 -6.04
CA LEU D 266 11.93 10.00 -7.45
C LEU D 266 10.76 10.00 -8.45
N PRO D 267 10.89 10.78 -9.56
CA PRO D 267 9.94 10.71 -10.68
C PRO D 267 10.09 9.42 -11.49
N GLU D 268 11.31 8.89 -11.50
CA GLU D 268 11.60 7.55 -11.97
C GLU D 268 12.94 7.15 -11.39
N PRO D 269 13.29 5.84 -11.43
CA PRO D 269 14.59 5.44 -10.90
C PRO D 269 15.74 6.11 -11.64
N LEU D 270 16.82 6.35 -10.91
CA LEU D 270 18.04 6.92 -11.43
C LEU D 270 18.95 5.80 -11.94
N THR D 271 19.72 6.11 -12.97
CA THR D 271 20.69 5.18 -13.55
C THR D 271 22.04 5.87 -13.67
N LEU D 272 23.10 5.22 -13.21
CA LEU D 272 24.44 5.77 -13.36
C LEU D 272 25.54 4.71 -13.39
N ARG D 273 26.73 5.16 -13.81
CA ARG D 273 27.96 4.36 -13.77
C ARG D 273 29.14 5.24 -13.38
N TRP D 274 30.32 4.65 -13.16
CA TRP D 274 31.56 5.41 -12.93
C TRP D 274 31.94 6.20 -14.18
N GLU D 275 32.61 7.33 -14.00
CA GLU D 275 33.00 8.22 -15.11
C GLU D 275 34.35 8.90 -14.89
N ILE E 1 16.30 -13.27 25.30
CA ILE E 1 17.61 -13.70 24.74
C ILE E 1 18.30 -12.55 24.01
N GLN E 2 19.64 -12.64 24.00
CA GLN E 2 20.50 -11.51 23.68
C GLN E 2 20.75 -11.49 22.18
N LYS E 3 20.73 -10.30 21.60
CA LYS E 3 21.01 -10.09 20.19
C LYS E 3 22.24 -9.17 20.09
N THR E 4 23.22 -9.56 19.28
CA THR E 4 24.47 -8.82 19.20
C THR E 4 24.37 -7.54 18.37
N PRO E 5 24.93 -6.44 18.89
CA PRO E 5 24.96 -5.18 18.17
C PRO E 5 25.66 -5.24 16.81
N GLN E 6 25.02 -4.61 15.82
CA GLN E 6 25.63 -4.41 14.52
C GLN E 6 26.07 -2.96 14.48
N ILE E 7 27.30 -2.73 14.06
CA ILE E 7 27.89 -1.41 14.21
C ILE E 7 28.33 -0.86 12.86
N GLN E 8 27.99 0.39 12.59
CA GLN E 8 28.55 1.13 11.44
C GLN E 8 29.16 2.43 11.89
N VAL E 9 30.32 2.75 11.32
CA VAL E 9 31.04 3.97 11.67
C VAL E 9 31.31 4.74 10.40
N TYR E 10 30.77 5.96 10.32
CA TYR E 10 30.75 6.72 9.08
C TYR E 10 30.53 8.21 9.30
N SER E 11 30.98 9.01 8.36
CA SER E 11 30.86 10.46 8.46
C SER E 11 29.55 10.91 7.86
N ARG E 12 29.02 12.01 8.37
CA ARG E 12 27.77 12.55 7.84
C ARG E 12 27.98 13.05 6.42
N HIS E 13 29.07 13.78 6.22
CA HIS E 13 29.37 14.37 4.92
C HIS E 13 30.55 13.65 4.30
N PRO E 14 30.69 13.74 2.97
CA PRO E 14 31.91 13.26 2.35
C PRO E 14 33.10 13.79 3.13
N PRO E 15 33.99 12.90 3.57
CA PRO E 15 35.12 13.37 4.33
C PRO E 15 36.13 14.11 3.47
N GLU E 16 36.74 15.15 4.04
CA GLU E 16 37.85 15.88 3.42
C GLU E 16 38.83 16.28 4.51
N ASN E 17 40.11 16.05 4.27
CA ASN E 17 41.12 16.32 5.29
C ASN E 17 41.25 17.79 5.62
N GLY E 18 40.94 18.14 6.86
CA GLY E 18 41.03 19.50 7.34
C GLY E 18 39.67 20.16 7.47
N LYS E 19 38.60 19.43 7.13
CA LYS E 19 37.24 19.97 7.14
C LYS E 19 36.40 19.40 8.26
N PRO E 20 35.86 20.26 9.15
CA PRO E 20 34.96 19.79 10.19
C PRO E 20 33.79 18.98 9.61
N ASN E 21 33.40 17.95 10.35
CA ASN E 21 32.41 17.00 9.90
C ASN E 21 31.76 16.43 11.16
N ILE E 22 30.85 15.48 10.97
CA ILE E 22 30.31 14.71 12.08
C ILE E 22 30.63 13.24 11.87
N LEU E 23 31.15 12.59 12.90
CA LEU E 23 31.37 11.15 12.87
C LEU E 23 30.21 10.48 13.61
N ASN E 24 29.61 9.48 12.96
CA ASN E 24 28.48 8.72 13.48
C ASN E 24 28.87 7.30 13.80
N CYS E 25 28.39 6.80 14.93
CA CYS E 25 28.48 5.37 15.22
C CYS E 25 27.04 4.88 15.39
N TYR E 26 26.58 4.05 14.44
CA TYR E 26 25.19 3.63 14.38
C TYR E 26 25.11 2.20 14.86
N VAL E 27 24.53 2.00 16.04
CA VAL E 27 24.54 0.68 16.68
C VAL E 27 23.13 0.16 16.70
N THR E 28 22.90 -0.96 16.03
CA THR E 28 21.56 -1.47 15.81
C THR E 28 21.46 -2.94 16.15
N GLN E 29 20.23 -3.40 16.27
CA GLN E 29 19.91 -4.82 16.25
C GLN E 29 20.29 -5.56 17.53
N PHE E 30 20.23 -4.87 18.65
CA PHE E 30 20.67 -5.47 19.91
C PHE E 30 19.54 -5.65 20.93
N HIS E 31 19.78 -6.56 21.86
CA HIS E 31 18.91 -6.77 23.02
C HIS E 31 19.69 -7.47 24.11
N PRO E 32 19.51 -7.06 25.37
CA PRO E 32 18.63 -6.03 25.91
C PRO E 32 19.14 -4.63 25.61
N PRO E 33 18.36 -3.62 25.92
CA PRO E 33 18.73 -2.28 25.51
C PRO E 33 19.94 -1.67 26.25
N HIS E 34 20.34 -2.20 27.39
CA HIS E 34 21.50 -1.66 28.09
C HIS E 34 22.76 -1.79 27.22
N ILE E 35 23.41 -0.65 26.97
CA ILE E 35 24.58 -0.63 26.12
C ILE E 35 25.51 0.55 26.45
N GLU E 36 26.82 0.32 26.31
CA GLU E 36 27.80 1.36 26.48
C GLU E 36 28.53 1.56 25.16
N ILE E 37 28.55 2.80 24.70
CA ILE E 37 29.16 3.13 23.44
C ILE E 37 30.19 4.25 23.63
N GLN E 38 31.35 4.09 23.03
CA GLN E 38 32.43 5.08 23.13
C GLN E 38 32.98 5.34 21.75
N MET E 39 33.35 6.59 21.49
CA MET E 39 34.04 6.91 20.25
C MET E 39 35.47 7.29 20.57
N LEU E 40 36.38 6.77 19.77
CA LEU E 40 37.79 6.85 20.05
C LEU E 40 38.54 7.59 18.94
N LYS E 41 39.56 8.37 19.33
CA LYS E 41 40.46 9.01 18.38
C LYS E 41 41.84 8.55 18.78
N ASN E 42 42.55 7.96 17.83
CA ASN E 42 43.87 7.44 18.10
C ASN E 42 43.96 6.68 19.42
N GLY E 43 42.96 5.84 19.65
CA GLY E 43 42.89 4.99 20.85
C GLY E 43 42.34 5.65 22.10
N LYS E 44 42.07 6.96 22.03
CA LYS E 44 41.71 7.76 23.21
C LYS E 44 40.24 8.19 23.12
N LYS E 45 39.59 8.28 24.28
CA LYS E 45 38.15 8.59 24.37
C LYS E 45 37.84 10.01 23.90
N ILE E 46 36.90 10.15 22.98
CA ILE E 46 36.45 11.47 22.54
C ILE E 46 35.45 11.96 23.60
N PRO E 47 35.59 13.22 24.03
CA PRO E 47 34.86 13.56 25.26
C PRO E 47 33.36 13.84 25.11
N LYS E 48 32.97 14.64 24.13
CA LYS E 48 31.59 15.16 24.13
C LYS E 48 30.77 14.40 23.11
N VAL E 49 30.67 13.09 23.33
CA VAL E 49 29.98 12.20 22.40
C VAL E 49 28.48 12.19 22.69
N GLU E 50 27.70 12.69 21.74
CA GLU E 50 26.26 12.78 21.93
C GLU E 50 25.58 11.47 21.51
N MET E 51 24.46 11.19 22.17
CA MET E 51 23.79 9.91 22.06
C MET E 51 22.33 10.22 21.83
N SER E 52 21.76 9.66 20.78
CA SER E 52 20.34 9.84 20.54
C SER E 52 19.62 9.11 21.68
N ASP E 53 18.34 9.36 21.86
CA ASP E 53 17.60 8.55 22.81
C ASP E 53 17.39 7.14 22.23
N MET E 54 17.13 6.14 23.08
CA MET E 54 16.98 4.81 22.53
C MET E 54 15.60 4.60 21.94
N SER E 55 15.57 3.76 20.91
CA SER E 55 14.37 3.50 20.14
C SER E 55 14.43 2.07 19.74
N PHE E 56 13.37 1.56 19.11
CA PHE E 56 13.43 0.21 18.57
C PHE E 56 12.65 0.04 17.31
N SER E 57 12.97 -1.02 16.59
CA SER E 57 12.40 -1.26 15.27
C SER E 57 11.21 -2.21 15.34
N LYS E 58 10.52 -2.34 14.20
CA LYS E 58 9.38 -3.24 14.06
C LYS E 58 9.63 -4.64 14.58
N ASP E 59 10.87 -5.10 14.44
CA ASP E 59 11.27 -6.44 14.85
C ASP E 59 11.68 -6.52 16.32
N TRP E 60 11.45 -5.45 17.09
CA TRP E 60 11.71 -5.34 18.54
C TRP E 60 13.15 -5.04 18.97
N SER E 61 14.11 -5.18 18.06
CA SER E 61 15.50 -4.93 18.41
C SER E 61 15.73 -3.43 18.60
N PHE E 62 16.69 -3.09 19.45
CA PHE E 62 16.98 -1.72 19.78
C PHE E 62 18.05 -1.13 18.86
N TYR E 63 17.98 0.18 18.64
CA TYR E 63 19.05 0.90 17.93
C TYR E 63 19.38 2.25 18.58
N ILE E 64 20.55 2.78 18.27
CA ILE E 64 20.99 4.05 18.86
C ILE E 64 22.11 4.69 18.03
N LEU E 65 22.10 6.02 17.91
CA LEU E 65 23.09 6.74 17.14
C LEU E 65 23.99 7.59 18.03
N ALA E 66 25.26 7.21 18.15
CA ALA E 66 26.23 8.07 18.82
C ALA E 66 26.88 8.92 17.74
N HIS E 67 27.17 10.18 18.06
CA HIS E 67 27.84 11.05 17.11
C HIS E 67 28.60 12.20 17.80
N THR E 68 29.62 12.68 17.08
CA THR E 68 30.57 13.66 17.62
C THR E 68 31.17 14.52 16.51
N GLU E 69 31.47 15.77 16.83
CA GLU E 69 32.13 16.61 15.85
C GLU E 69 33.56 16.16 15.73
N PHE E 70 34.07 16.14 14.50
CA PHE E 70 35.48 15.80 14.26
C PHE E 70 35.99 16.45 13.01
N THR E 71 37.31 16.52 12.92
CA THR E 71 37.99 17.03 11.74
C THR E 71 39.01 15.99 11.28
N PRO E 72 38.67 15.23 10.24
CA PRO E 72 39.60 14.22 9.83
C PRO E 72 40.92 14.80 9.33
N THR E 73 42.02 14.20 9.75
CA THR E 73 43.29 14.39 9.07
C THR E 73 43.67 13.06 8.47
N GLU E 74 44.75 13.03 7.71
CA GLU E 74 45.21 11.83 7.04
C GLU E 74 45.76 10.76 7.97
N THR E 75 46.20 11.15 9.17
CA THR E 75 46.94 10.25 10.04
C THR E 75 46.13 9.77 11.28
N ASP E 76 44.97 10.37 11.50
CA ASP E 76 44.15 9.97 12.64
C ASP E 76 43.34 8.72 12.37
N THR E 77 43.25 7.85 13.36
CA THR E 77 42.31 6.74 13.24
C THR E 77 41.20 6.91 14.26
N TYR E 78 39.97 6.73 13.80
CA TYR E 78 38.78 6.87 14.60
C TYR E 78 38.05 5.51 14.72
N ALA E 79 37.47 5.26 15.88
CA ALA E 79 36.87 3.98 16.17
C ALA E 79 35.68 4.15 17.10
N CYS E 80 34.73 3.23 16.96
CA CYS E 80 33.60 3.11 17.87
C CYS E 80 33.75 1.82 18.68
N ARG E 81 33.51 1.92 19.98
CA ARG E 81 33.79 0.84 20.89
C ARG E 81 32.53 0.50 21.69
N VAL E 82 31.90 -0.62 21.36
CA VAL E 82 30.63 -0.97 21.99
C VAL E 82 30.78 -2.07 23.01
N LYS E 83 30.21 -1.87 24.20
CA LYS E 83 30.13 -2.91 25.23
C LYS E 83 28.69 -3.31 25.46
N HIS E 84 28.43 -4.61 25.52
CA HIS E 84 27.08 -5.13 25.59
C HIS E 84 27.06 -6.57 26.07
N ASP E 85 26.00 -6.96 26.78
CA ASP E 85 25.95 -8.28 27.42
C ASP E 85 26.05 -9.46 26.48
N SER E 86 25.61 -9.27 25.24
CA SER E 86 25.75 -10.28 24.20
C SER E 86 27.18 -10.66 23.91
N MET E 87 28.12 -9.81 24.24
CA MET E 87 29.53 -10.04 23.90
C MET E 87 30.36 -10.07 25.16
N ALA E 88 31.33 -10.98 25.23
CA ALA E 88 32.14 -11.10 26.44
C ALA E 88 33.18 -9.98 26.53
N GLU E 89 33.58 -9.45 25.38
CA GLU E 89 34.56 -8.36 25.32
C GLU E 89 34.05 -7.27 24.42
N PRO E 90 34.50 -6.03 24.65
CA PRO E 90 34.01 -4.89 23.87
C PRO E 90 34.35 -5.05 22.39
N LYS E 91 33.52 -4.51 21.51
CA LYS E 91 33.80 -4.59 20.09
C LYS E 91 34.15 -3.24 19.53
N THR E 92 35.33 -3.15 18.95
CA THR E 92 35.76 -1.92 18.33
C THR E 92 35.65 -2.06 16.84
N VAL E 93 34.96 -1.14 16.20
CA VAL E 93 35.03 -1.08 14.73
C VAL E 93 35.57 0.27 14.23
N TYR E 94 36.48 0.18 13.27
CA TYR E 94 37.28 1.34 12.88
C TYR E 94 36.61 2.10 11.75
N TRP E 95 36.80 3.41 11.74
CA TRP E 95 36.27 4.23 10.65
C TRP E 95 37.07 4.02 9.38
N ASP E 96 36.41 3.55 8.34
CA ASP E 96 37.00 3.49 6.99
C ASP E 96 36.39 4.60 6.11
N ARG E 97 37.21 5.53 5.64
CA ARG E 97 36.71 6.70 4.89
C ARG E 97 36.06 6.38 3.56
N ASP E 98 36.33 5.20 3.01
CA ASP E 98 35.67 4.71 1.79
C ASP E 98 34.36 3.98 2.03
N MET E 99 33.90 3.90 3.28
CA MET E 99 32.69 3.13 3.59
C MET E 99 31.71 3.92 4.45
N LYS F 1 -2.32 11.27 20.05
CA LYS F 1 -2.20 10.96 21.52
C LYS F 1 -2.02 9.45 21.76
N ALA F 2 -1.42 9.12 22.91
CA ALA F 2 -0.94 7.78 23.17
C ALA F 2 -2.08 6.91 23.63
N PRO F 3 -1.90 5.59 23.58
CA PRO F 3 -2.87 4.65 24.08
C PRO F 3 -2.77 4.44 25.55
N ALA F 4 -3.88 4.01 26.14
CA ALA F 4 -3.98 3.71 27.56
C ALA F 4 -4.49 2.26 27.70
N ASN F 5 -3.59 1.36 28.04
CA ASN F 5 -3.92 -0.07 28.07
C ASN F 5 -5.00 -0.43 29.10
N PHE F 6 -5.67 -1.57 28.86
CA PHE F 6 -6.80 -2.03 29.67
C PHE F 6 -6.36 -3.18 30.60
N ALA F 7 -6.84 -4.41 30.44
CA ALA F 7 -6.38 -5.52 31.32
C ALA F 7 -4.88 -5.65 31.28
N THR F 8 -4.25 -5.84 32.44
CA THR F 8 -2.81 -6.15 32.44
C THR F 8 -2.56 -7.55 31.83
N MET F 9 -1.28 -7.85 31.57
CA MET F 9 -0.88 -9.15 31.04
C MET F 9 -1.37 -10.19 32.02
#